data_7DSO
#
_entry.id   7DSO
#
_cell.length_a   80.020
_cell.length_b   87.914
_cell.length_c   110.834
_cell.angle_alpha   90.000
_cell.angle_beta   90.000
_cell.angle_gamma   90.000
#
_symmetry.space_group_name_H-M   'P 21 21 21'
#
loop_
_entity.id
_entity.type
_entity.pdbx_description
1 polymer 'Anthranilate phosphoribosyltransferase'
2 non-polymer '2-amino-4-fluorobenzoic acid'
3 water water
#
_entity_poly.entity_id   1
_entity_poly.type   'polypeptide(L)'
_entity_poly.pdbx_seq_one_letter_code
;HHHMSEATLLSYTKKLLASPPQLSSTDLHDALLVILSLLQKCDTNSDESLSIYTKVSSFLTALRVTKLDHKAEYIAEAAK
AVLRHSDLVDLPLPKKDELHPEDGPVILDIVGTGGDGQNTFNVSTSAAIVASGIQGLKICKHGGKASTSNSGAGDLIGTL
GCDMFKVNSSTVPKLWPDNTFMFLLAPFFHHGMGHVSKIRKFLGIPTVFNVLGPLLHPVSHVNKRILGVYSKELAPEYAK
AAALVYPGSETFIVWGHVGLDEVSPIGKTTVWHIDPTSSELKLKTFQLEPSMFGLEEHELSKCASYGPKENARILKEEVL
SGKYHLGDNNPIYDYILMNTAVLYCLSQGHQNWKEGIIKAEESIHSGNALRSLEHFIDSVSSL
;
_entity_poly.pdbx_strand_id   A,B
#
loop_
_chem_comp.id
_chem_comp.type
_chem_comp.name
_chem_comp.formula
FA0 non-polymer '2-amino-4-fluorobenzoic acid' 'C7 H6 F N O2'
#
# COMPACT_ATOMS: atom_id res chain seq x y z
N HIS A 2 -16.19 17.54 9.69
CA HIS A 2 -16.52 16.22 9.05
C HIS A 2 -15.54 15.13 9.53
N HIS A 3 -16.06 14.06 10.15
CA HIS A 3 -15.30 12.84 10.54
C HIS A 3 -15.08 11.92 9.33
N MET A 4 -15.94 11.96 8.31
CA MET A 4 -15.82 11.09 7.12
C MET A 4 -14.87 11.80 6.14
N SER A 5 -13.58 11.80 6.44
CA SER A 5 -12.61 12.70 5.77
C SER A 5 -11.35 11.90 5.47
N GLU A 6 -10.53 12.45 4.58
CA GLU A 6 -9.18 11.92 4.25
C GLU A 6 -8.36 11.79 5.53
N ALA A 7 -8.36 12.84 6.38
CA ALA A 7 -7.61 12.88 7.67
C ALA A 7 -7.99 11.68 8.54
N THR A 8 -9.28 11.34 8.63
CA THR A 8 -9.74 10.17 9.42
C THR A 8 -9.20 8.88 8.77
N LEU A 9 -9.34 8.74 7.46
CA LEU A 9 -8.82 7.54 6.74
C LEU A 9 -7.33 7.43 7.04
N LEU A 10 -6.60 8.54 6.92
CA LEU A 10 -5.13 8.53 7.11
C LEU A 10 -4.80 7.93 8.50
N SER A 11 -5.54 8.33 9.53
CA SER A 11 -5.26 7.86 10.92
C SER A 11 -5.48 6.34 11.00
N TYR A 12 -6.41 5.80 10.22
CA TYR A 12 -6.63 4.33 10.18
C TYR A 12 -5.45 3.66 9.48
N THR A 13 -4.98 4.22 8.38
CA THR A 13 -3.81 3.66 7.66
C THR A 13 -2.60 3.61 8.59
N LYS A 14 -2.33 4.69 9.33
CA LYS A 14 -1.22 4.78 10.32
C LYS A 14 -1.31 3.64 11.35
N LYS A 15 -2.50 3.30 11.85
CA LYS A 15 -2.67 2.13 12.74
C LYS A 15 -2.13 0.85 12.08
N LEU A 16 -2.26 0.69 10.75
CA LEU A 16 -1.78 -0.51 9.99
C LEU A 16 -0.26 -0.49 9.81
N LEU A 17 0.39 0.69 9.89
CA LEU A 17 1.85 0.82 9.66
C LEU A 17 2.61 0.61 10.97
N ALA A 18 1.92 0.64 12.12
CA ALA A 18 2.52 0.39 13.46
C ALA A 18 3.02 -1.05 13.57
N SER A 19 4.07 -1.28 14.37
CA SER A 19 4.62 -2.63 14.67
C SER A 19 4.41 -2.92 16.17
N PRO A 20 3.47 -3.81 16.56
CA PRO A 20 2.54 -4.46 15.62
C PRO A 20 1.35 -3.55 15.27
N PRO A 21 0.56 -3.92 14.24
CA PRO A 21 -0.60 -3.11 13.81
C PRO A 21 -1.62 -2.85 14.92
N GLN A 22 -2.27 -1.70 14.87
CA GLN A 22 -3.21 -1.22 15.92
C GLN A 22 -4.64 -1.16 15.34
N LEU A 23 -4.83 -1.68 14.13
CA LEU A 23 -6.14 -1.71 13.45
C LEU A 23 -6.94 -2.92 13.93
N SER A 24 -7.94 -2.66 14.77
CA SER A 24 -8.92 -3.66 15.24
C SER A 24 -9.89 -3.97 14.10
N SER A 25 -10.68 -5.02 14.24
CA SER A 25 -11.65 -5.46 13.21
C SER A 25 -12.80 -4.45 13.09
N THR A 26 -13.25 -3.85 14.20
CA THR A 26 -14.24 -2.74 14.21
C THR A 26 -13.62 -1.47 13.59
N ASP A 27 -12.33 -1.26 13.78
CA ASP A 27 -11.58 -0.18 13.10
C ASP A 27 -11.73 -0.37 11.57
N LEU A 28 -11.59 -1.60 11.10
CA LEU A 28 -11.70 -1.87 9.64
C LEU A 28 -13.11 -1.55 9.19
N HIS A 29 -14.12 -1.96 9.96
CA HIS A 29 -15.53 -1.60 9.68
C HIS A 29 -15.64 -0.07 9.51
N ASP A 30 -15.16 0.70 10.47
CA ASP A 30 -15.34 2.18 10.47
C ASP A 30 -14.51 2.79 9.33
N ALA A 31 -13.28 2.32 9.13
CA ALA A 31 -12.41 2.75 8.01
C ALA A 31 -13.13 2.51 6.68
N LEU A 32 -13.80 1.37 6.52
CA LEU A 32 -14.48 1.07 5.25
C LEU A 32 -15.67 2.01 5.02
N LEU A 33 -16.38 2.44 6.08
CA LEU A 33 -17.47 3.46 5.88
C LEU A 33 -16.87 4.81 5.46
N VAL A 34 -15.72 5.18 6.00
CA VAL A 34 -15.05 6.43 5.57
C VAL A 34 -14.69 6.26 4.09
N ILE A 35 -14.16 5.09 3.70
CA ILE A 35 -13.72 4.85 2.28
C ILE A 35 -14.92 4.94 1.33
N LEU A 36 -16.03 4.30 1.66
CA LEU A 36 -17.20 4.24 0.73
C LEU A 36 -17.82 5.65 0.61
N SER A 37 -17.90 6.39 1.72
CA SER A 37 -18.28 7.83 1.73
C SER A 37 -17.34 8.67 0.82
N LEU A 38 -16.01 8.61 1.01
CA LEU A 38 -15.07 9.43 0.17
C LEU A 38 -15.16 9.03 -1.31
N LEU A 39 -15.17 7.74 -1.64
CA LEU A 39 -15.20 7.29 -3.06
C LEU A 39 -16.48 7.74 -3.78
N GLN A 40 -17.61 7.84 -3.07
CA GLN A 40 -18.88 8.41 -3.61
C GLN A 40 -18.66 9.81 -4.18
N LYS A 41 -17.75 10.60 -3.62
CA LYS A 41 -17.50 12.02 -4.04
C LYS A 41 -16.50 12.10 -5.20
N CYS A 42 -15.98 10.98 -5.73
CA CYS A 42 -14.91 11.00 -6.76
C CYS A 42 -15.53 10.75 -8.12
N ASP A 43 -16.33 11.72 -8.58
CA ASP A 43 -17.13 11.59 -9.83
C ASP A 43 -16.27 12.12 -11.00
N THR A 44 -15.21 12.89 -10.70
CA THR A 44 -14.25 13.46 -11.69
C THR A 44 -12.81 13.09 -11.32
N ASN A 45 -11.89 13.33 -12.26
CA ASN A 45 -10.43 13.08 -12.12
C ASN A 45 -9.77 14.35 -11.56
N SER A 46 -10.43 15.04 -10.65
CA SER A 46 -9.88 16.22 -9.94
C SER A 46 -8.67 15.78 -9.09
N ASP A 47 -7.90 16.73 -8.60
CA ASP A 47 -6.79 16.50 -7.63
C ASP A 47 -7.34 15.93 -6.32
N GLU A 48 -8.51 16.36 -5.87
CA GLU A 48 -9.10 15.78 -4.63
C GLU A 48 -9.33 14.28 -4.85
N SER A 49 -9.82 13.88 -6.02
CA SER A 49 -10.00 12.44 -6.38
C SER A 49 -8.63 11.75 -6.38
N LEU A 50 -7.63 12.32 -7.05
CA LEU A 50 -6.24 11.80 -7.00
C LEU A 50 -5.86 11.51 -5.54
N SER A 51 -6.11 12.46 -4.66
CA SER A 51 -5.67 12.38 -3.24
C SER A 51 -6.42 11.23 -2.56
N ILE A 52 -7.73 11.14 -2.79
CA ILE A 52 -8.58 10.13 -2.12
C ILE A 52 -8.15 8.74 -2.60
N TYR A 53 -7.90 8.59 -3.89
CA TYR A 53 -7.54 7.26 -4.46
C TYR A 53 -6.18 6.84 -3.87
N THR A 54 -5.31 7.83 -3.64
CA THR A 54 -3.95 7.59 -3.08
C THR A 54 -4.12 6.99 -1.68
N LYS A 55 -4.96 7.59 -0.87
CA LYS A 55 -5.16 7.21 0.55
C LYS A 55 -5.94 5.91 0.65
N VAL A 56 -6.99 5.69 -0.16
CA VAL A 56 -7.71 4.39 -0.18
C VAL A 56 -6.77 3.28 -0.65
N SER A 57 -6.01 3.51 -1.72
CA SER A 57 -5.06 2.49 -2.22
C SER A 57 -4.09 2.12 -1.09
N SER A 58 -3.60 3.16 -0.40
CA SER A 58 -2.59 3.02 0.68
C SER A 58 -3.17 2.10 1.75
N PHE A 59 -4.38 2.44 2.20
CA PHE A 59 -5.11 1.71 3.27
C PHE A 59 -5.31 0.26 2.86
N LEU A 60 -5.83 0.03 1.66
CA LEU A 60 -6.23 -1.32 1.21
C LEU A 60 -4.97 -2.20 1.06
N THR A 61 -3.92 -1.65 0.48
CA THR A 61 -2.62 -2.31 0.28
C THR A 61 -1.99 -2.62 1.65
N ALA A 62 -1.93 -1.65 2.56
CA ALA A 62 -1.37 -1.91 3.90
C ALA A 62 -2.14 -3.07 4.52
N LEU A 63 -3.46 -3.11 4.36
CA LEU A 63 -4.32 -4.16 4.95
C LEU A 63 -3.94 -5.54 4.39
N ARG A 64 -3.75 -5.63 3.09
CA ARG A 64 -3.33 -6.87 2.39
C ARG A 64 -1.94 -7.29 2.90
N VAL A 65 -0.97 -6.40 2.98
CA VAL A 65 0.42 -6.81 3.34
C VAL A 65 0.47 -7.26 4.82
N THR A 66 -0.32 -6.68 5.73
CA THR A 66 -0.43 -7.17 7.14
C THR A 66 -1.14 -8.53 7.17
N LYS A 67 -2.02 -8.78 6.21
CA LYS A 67 -2.80 -10.04 6.11
C LYS A 67 -3.92 -10.05 7.18
N LEU A 68 -4.23 -8.91 7.77
CA LEU A 68 -5.44 -8.87 8.64
C LEU A 68 -6.71 -9.17 7.82
N ASP A 69 -6.71 -8.92 6.50
CA ASP A 69 -7.89 -9.20 5.63
C ASP A 69 -8.01 -10.70 5.32
N HIS A 70 -7.12 -11.56 5.86
CA HIS A 70 -7.26 -13.05 5.79
C HIS A 70 -7.85 -13.62 7.08
N LYS A 71 -8.14 -12.76 8.05
CA LYS A 71 -8.67 -13.13 9.38
C LYS A 71 -10.18 -12.98 9.37
N ALA A 72 -10.86 -13.87 10.07
CA ALA A 72 -12.33 -14.05 10.01
C ALA A 72 -13.02 -12.78 10.52
N GLU A 73 -12.58 -12.23 11.65
CA GLU A 73 -13.24 -11.06 12.31
C GLU A 73 -13.19 -9.84 11.38
N TYR A 74 -12.06 -9.66 10.70
CA TYR A 74 -11.81 -8.55 9.73
C TYR A 74 -12.71 -8.73 8.50
N ILE A 75 -12.79 -9.96 7.98
CA ILE A 75 -13.62 -10.29 6.78
C ILE A 75 -15.08 -10.03 7.14
N ALA A 76 -15.52 -10.45 8.33
CA ALA A 76 -16.95 -10.27 8.73
C ALA A 76 -17.24 -8.78 8.89
N GLU A 77 -16.35 -8.03 9.52
CA GLU A 77 -16.54 -6.58 9.76
C GLU A 77 -16.52 -5.86 8.42
N ALA A 78 -15.75 -6.35 7.44
CA ALA A 78 -15.69 -5.75 6.09
C ALA A 78 -17.04 -5.97 5.40
N ALA A 79 -17.58 -7.17 5.50
CA ALA A 79 -18.91 -7.51 4.94
C ALA A 79 -19.96 -6.60 5.57
N LYS A 80 -19.99 -6.49 6.90
CA LYS A 80 -20.98 -5.65 7.62
C LYS A 80 -20.93 -4.19 7.13
N ALA A 81 -19.73 -3.65 6.88
CA ALA A 81 -19.53 -2.25 6.43
C ALA A 81 -20.09 -2.08 5.02
N VAL A 82 -19.76 -2.99 4.11
CA VAL A 82 -20.29 -2.93 2.72
C VAL A 82 -21.83 -3.01 2.78
N LEU A 83 -22.36 -3.89 3.61
CA LEU A 83 -23.83 -4.13 3.69
C LEU A 83 -24.56 -2.84 4.11
N ARG A 84 -23.91 -1.95 4.87
CA ARG A 84 -24.51 -0.63 5.26
C ARG A 84 -24.90 0.16 4.00
N HIS A 85 -24.24 -0.03 2.86
CA HIS A 85 -24.57 0.70 1.61
C HIS A 85 -25.48 -0.14 0.71
N SER A 86 -26.03 -1.26 1.24
CA SER A 86 -26.83 -2.24 0.48
C SER A 86 -28.33 -2.02 0.71
N ASP A 87 -29.13 -2.31 -0.33
CA ASP A 87 -30.59 -2.57 -0.19
C ASP A 87 -30.78 -3.98 0.36
N LEU A 88 -31.21 -4.12 1.62
CA LEU A 88 -31.48 -5.43 2.26
C LEU A 88 -32.95 -5.76 2.07
N VAL A 89 -33.30 -7.05 2.05
CA VAL A 89 -34.69 -7.54 1.82
C VAL A 89 -35.35 -7.73 3.20
N ASP A 90 -36.50 -7.10 3.39
CA ASP A 90 -37.38 -7.30 4.59
C ASP A 90 -38.45 -8.34 4.23
N LEU A 91 -38.44 -9.49 4.90
CA LEU A 91 -39.48 -10.54 4.69
C LEU A 91 -40.32 -10.69 5.97
N PRO A 92 -41.62 -11.06 5.84
CA PRO A 92 -42.42 -11.57 6.97
C PRO A 92 -41.90 -12.85 7.67
N LEU A 93 -41.73 -12.81 9.00
CA LEU A 93 -41.15 -13.96 9.77
C LEU A 93 -42.21 -15.05 9.90
N PRO A 105 -39.83 -25.08 4.08
CA PRO A 105 -38.68 -25.70 3.40
C PRO A 105 -37.31 -25.25 3.95
N VAL A 106 -36.25 -25.78 3.35
CA VAL A 106 -34.84 -25.37 3.62
C VAL A 106 -34.52 -24.32 2.57
N ILE A 107 -33.87 -23.21 2.93
CA ILE A 107 -33.59 -22.16 1.91
C ILE A 107 -32.08 -22.11 1.70
N LEU A 108 -31.63 -22.34 0.47
CA LEU A 108 -30.18 -22.48 0.20
C LEU A 108 -29.69 -21.45 -0.80
N ASP A 109 -28.40 -21.18 -0.70
CA ASP A 109 -27.59 -20.39 -1.65
C ASP A 109 -26.39 -21.24 -2.01
N ILE A 110 -25.82 -20.99 -3.18
CA ILE A 110 -24.55 -21.62 -3.65
C ILE A 110 -23.82 -20.59 -4.49
N VAL A 111 -22.57 -20.30 -4.15
CA VAL A 111 -21.81 -19.21 -4.82
C VAL A 111 -20.34 -19.37 -4.42
N GLY A 112 -19.42 -18.80 -5.22
CA GLY A 112 -17.97 -18.83 -4.94
C GLY A 112 -17.40 -17.42 -4.84
N THR A 113 -16.23 -17.29 -4.22
CA THR A 113 -15.43 -16.03 -4.11
C THR A 113 -14.94 -15.60 -5.50
N GLY A 114 -14.84 -16.54 -6.45
CA GLY A 114 -14.00 -16.38 -7.65
C GLY A 114 -12.55 -16.17 -7.24
N GLY A 115 -11.68 -15.77 -8.18
CA GLY A 115 -10.28 -15.42 -7.91
C GLY A 115 -9.32 -16.60 -8.01
N ASP A 116 -9.72 -17.66 -8.73
CA ASP A 116 -8.96 -18.93 -8.87
C ASP A 116 -8.26 -19.01 -10.24
N GLY A 117 -8.45 -18.01 -11.10
CA GLY A 117 -7.89 -17.96 -12.48
C GLY A 117 -8.48 -19.03 -13.41
N GLN A 118 -9.65 -19.59 -13.08
CA GLN A 118 -10.32 -20.65 -13.90
C GLN A 118 -11.45 -20.02 -14.72
N ASN A 119 -11.87 -20.71 -15.77
CA ASN A 119 -12.95 -20.23 -16.69
C ASN A 119 -13.88 -21.42 -16.94
N THR A 120 -14.54 -21.83 -15.86
CA THR A 120 -15.40 -23.03 -15.79
C THR A 120 -16.85 -22.60 -16.00
N PHE A 121 -17.71 -23.53 -16.43
CA PHE A 121 -19.17 -23.35 -16.62
C PHE A 121 -19.87 -22.79 -15.35
N ASN A 122 -21.01 -22.13 -15.52
CA ASN A 122 -21.81 -21.50 -14.42
C ASN A 122 -22.61 -22.62 -13.77
N VAL A 123 -21.88 -23.45 -13.04
CA VAL A 123 -22.41 -24.66 -12.37
C VAL A 123 -23.24 -24.22 -11.15
N SER A 124 -22.93 -23.09 -10.53
CA SER A 124 -23.67 -22.67 -9.31
C SER A 124 -25.11 -22.33 -9.70
N THR A 125 -25.33 -21.41 -10.63
CA THR A 125 -26.68 -21.06 -11.14
C THR A 125 -27.40 -22.34 -11.60
N SER A 126 -26.71 -23.19 -12.37
CA SER A 126 -27.31 -24.42 -12.95
C SER A 126 -27.69 -25.36 -11.82
N ALA A 127 -26.80 -25.59 -10.85
CA ALA A 127 -27.10 -26.50 -9.70
C ALA A 127 -28.22 -25.89 -8.83
N ALA A 128 -28.29 -24.56 -8.72
CA ALA A 128 -29.31 -23.84 -7.90
C ALA A 128 -30.69 -24.14 -8.49
N ILE A 129 -30.78 -24.01 -9.81
CA ILE A 129 -32.02 -24.30 -10.59
C ILE A 129 -32.38 -25.77 -10.45
N VAL A 130 -31.45 -26.70 -10.66
CA VAL A 130 -31.78 -28.15 -10.55
C VAL A 130 -32.23 -28.43 -9.10
N ALA A 131 -31.51 -27.93 -8.09
CA ALA A 131 -31.87 -28.18 -6.67
C ALA A 131 -33.29 -27.66 -6.37
N SER A 132 -33.68 -26.55 -7.02
CA SER A 132 -34.96 -25.86 -6.73
C SER A 132 -36.15 -26.71 -7.22
N GLY A 133 -35.88 -27.77 -7.97
CA GLY A 133 -36.91 -28.68 -8.50
C GLY A 133 -37.10 -29.90 -7.62
N ILE A 134 -36.26 -30.04 -6.59
CA ILE A 134 -36.34 -31.15 -5.61
C ILE A 134 -37.31 -30.70 -4.53
N GLN A 135 -38.39 -31.45 -4.32
CA GLN A 135 -39.48 -31.00 -3.44
C GLN A 135 -38.88 -30.94 -2.02
N GLY A 136 -39.25 -29.91 -1.25
CA GLY A 136 -38.72 -29.61 0.10
C GLY A 136 -37.66 -28.53 0.09
N LEU A 137 -37.06 -28.24 -1.07
CA LEU A 137 -35.94 -27.27 -1.22
C LEU A 137 -36.45 -25.97 -1.85
N LYS A 138 -35.96 -24.85 -1.32
CA LYS A 138 -36.15 -23.48 -1.87
C LYS A 138 -34.77 -22.85 -2.07
N ILE A 139 -34.53 -22.29 -3.25
CA ILE A 139 -33.20 -21.74 -3.60
C ILE A 139 -33.37 -20.24 -3.86
N CYS A 140 -32.59 -19.45 -3.13
CA CYS A 140 -32.43 -18.01 -3.35
C CYS A 140 -30.93 -17.77 -3.56
N LYS A 141 -30.53 -17.95 -4.82
CA LYS A 141 -29.12 -17.85 -5.27
C LYS A 141 -28.75 -16.37 -5.44
N HIS A 142 -27.60 -15.99 -4.90
CA HIS A 142 -27.06 -14.61 -4.97
C HIS A 142 -25.75 -14.63 -5.77
N GLY A 143 -25.59 -13.74 -6.76
CA GLY A 143 -24.42 -13.82 -7.65
C GLY A 143 -24.21 -12.60 -8.52
N GLY A 144 -23.03 -12.52 -9.15
CA GLY A 144 -22.65 -11.47 -10.11
C GLY A 144 -22.98 -11.85 -11.55
N GLY A 154 -27.24 -15.16 -13.96
CA GLY A 154 -27.86 -13.82 -13.88
C GLY A 154 -27.57 -12.96 -15.10
N ASP A 155 -26.30 -12.80 -15.45
CA ASP A 155 -25.95 -12.47 -16.85
C ASP A 155 -26.46 -13.65 -17.70
N LEU A 156 -26.29 -14.89 -17.20
CA LEU A 156 -26.86 -16.14 -17.75
C LEU A 156 -28.39 -16.11 -17.78
N ILE A 157 -29.06 -15.98 -16.62
CA ILE A 157 -30.55 -15.89 -16.54
C ILE A 157 -31.04 -14.62 -17.26
N GLY A 158 -30.20 -13.57 -17.31
CA GLY A 158 -30.47 -12.35 -18.11
C GLY A 158 -30.80 -12.69 -19.55
N THR A 159 -30.07 -13.64 -20.16
CA THR A 159 -30.13 -13.95 -21.61
C THR A 159 -31.28 -14.92 -21.91
N LEU A 160 -31.99 -15.39 -20.87
CA LEU A 160 -33.19 -16.28 -20.98
C LEU A 160 -34.48 -15.45 -20.98
N GLY A 161 -34.39 -14.17 -21.38
CA GLY A 161 -35.54 -13.24 -21.53
C GLY A 161 -36.06 -12.76 -20.18
N CYS A 162 -35.15 -12.49 -19.23
CA CYS A 162 -35.46 -12.04 -17.86
C CYS A 162 -34.86 -10.65 -17.65
N ASP A 163 -35.68 -9.67 -17.31
CA ASP A 163 -35.21 -8.31 -16.91
C ASP A 163 -34.78 -8.37 -15.44
N MET A 164 -33.50 -8.63 -15.19
CA MET A 164 -32.99 -8.94 -13.83
C MET A 164 -32.94 -7.64 -13.00
N PHE A 165 -32.96 -6.46 -13.63
CA PHE A 165 -33.08 -5.17 -12.91
C PHE A 165 -34.44 -5.13 -12.20
N LYS A 166 -35.48 -5.83 -12.68
CA LYS A 166 -36.80 -5.85 -11.98
C LYS A 166 -36.69 -6.55 -10.61
N VAL A 167 -35.59 -7.29 -10.34
CA VAL A 167 -35.42 -8.04 -9.06
C VAL A 167 -34.57 -7.18 -8.11
N ASN A 168 -35.23 -6.65 -7.07
CA ASN A 168 -34.62 -5.71 -6.09
C ASN A 168 -35.26 -5.91 -4.73
N SER A 169 -34.66 -5.28 -3.72
CA SER A 169 -35.20 -5.11 -2.34
C SER A 169 -36.73 -5.12 -2.32
N SER A 170 -37.33 -4.29 -3.17
CA SER A 170 -38.79 -3.97 -3.12
C SER A 170 -39.60 -5.11 -3.76
N THR A 171 -39.05 -5.83 -4.76
CA THR A 171 -39.79 -6.87 -5.53
C THR A 171 -39.54 -8.28 -4.98
N VAL A 172 -38.43 -8.54 -4.27
CA VAL A 172 -38.11 -9.92 -3.76
C VAL A 172 -39.25 -10.45 -2.89
N PRO A 173 -39.83 -9.66 -1.94
CA PRO A 173 -40.94 -10.15 -1.12
C PRO A 173 -42.16 -10.57 -1.94
N LYS A 174 -42.39 -9.97 -3.11
CA LYS A 174 -43.51 -10.28 -4.03
C LYS A 174 -43.27 -11.68 -4.64
N LEU A 175 -42.04 -11.94 -5.08
CA LEU A 175 -41.63 -13.21 -5.76
C LEU A 175 -41.46 -14.33 -4.74
N TRP A 176 -41.20 -14.01 -3.47
CA TRP A 176 -40.81 -14.99 -2.42
C TRP A 176 -41.82 -16.13 -2.29
N PRO A 177 -43.13 -15.87 -2.10
CA PRO A 177 -44.05 -16.92 -1.66
C PRO A 177 -44.27 -18.05 -2.68
N ASP A 178 -44.29 -17.74 -3.98
CA ASP A 178 -44.75 -18.66 -5.05
C ASP A 178 -43.56 -19.29 -5.83
N ASN A 179 -42.31 -19.00 -5.45
CA ASN A 179 -41.10 -19.39 -6.24
C ASN A 179 -40.19 -20.33 -5.45
N THR A 180 -39.94 -21.51 -6.00
CA THR A 180 -38.96 -22.51 -5.50
C THR A 180 -37.56 -22.06 -5.94
N PHE A 181 -37.47 -21.24 -6.98
CA PHE A 181 -36.16 -20.69 -7.42
C PHE A 181 -36.25 -19.18 -7.57
N MET A 182 -35.21 -18.50 -7.07
CA MET A 182 -34.98 -17.06 -7.29
C MET A 182 -33.51 -16.84 -7.57
N PHE A 183 -33.23 -15.87 -8.43
CA PHE A 183 -31.88 -15.31 -8.63
C PHE A 183 -31.88 -13.83 -8.29
N LEU A 184 -30.85 -13.42 -7.56
CA LEU A 184 -30.59 -12.03 -7.10
C LEU A 184 -29.27 -11.58 -7.70
N LEU A 185 -29.32 -10.57 -8.57
CA LEU A 185 -28.12 -10.04 -9.26
C LEU A 185 -27.48 -8.98 -8.34
N ALA A 186 -26.26 -9.26 -7.85
CA ALA A 186 -25.56 -8.57 -6.74
C ALA A 186 -25.43 -7.06 -6.96
N PRO A 187 -24.96 -6.56 -8.13
CA PRO A 187 -24.77 -5.13 -8.33
C PRO A 187 -26.02 -4.24 -8.18
N PHE A 188 -27.21 -4.84 -8.21
CA PHE A 188 -28.52 -4.16 -8.02
C PHE A 188 -28.89 -4.14 -6.53
N PHE A 189 -28.07 -4.76 -5.66
CA PHE A 189 -28.28 -4.69 -4.19
C PHE A 189 -27.15 -3.90 -3.52
N HIS A 190 -25.89 -4.10 -3.93
CA HIS A 190 -24.69 -3.67 -3.14
C HIS A 190 -24.05 -2.43 -3.77
N HIS A 191 -24.62 -1.25 -3.51
CA HIS A 191 -24.18 0.04 -4.08
C HIS A 191 -22.74 0.27 -3.62
N GLY A 192 -22.41 -0.19 -2.41
CA GLY A 192 -21.07 0.00 -1.82
C GLY A 192 -19.99 -0.63 -2.68
N MET A 193 -20.30 -1.78 -3.29
CA MET A 193 -19.34 -2.49 -4.17
C MET A 193 -19.18 -1.66 -5.44
N GLY A 194 -20.26 -1.01 -5.90
CA GLY A 194 -20.20 -0.11 -7.08
C GLY A 194 -19.16 0.97 -6.88
N HIS A 195 -19.06 1.51 -5.66
CA HIS A 195 -18.18 2.67 -5.35
C HIS A 195 -16.70 2.29 -5.45
N VAL A 196 -16.31 1.05 -5.09
CA VAL A 196 -14.88 0.61 -5.04
C VAL A 196 -14.51 -0.09 -6.35
N SER A 197 -15.44 -0.18 -7.28
CA SER A 197 -15.25 -0.89 -8.56
C SER A 197 -14.04 -0.34 -9.33
N LYS A 198 -13.95 0.98 -9.49
CA LYS A 198 -12.87 1.57 -10.32
C LYS A 198 -11.51 1.36 -9.62
N ILE A 199 -11.42 1.63 -8.32
CA ILE A 199 -10.13 1.59 -7.60
C ILE A 199 -9.63 0.14 -7.54
N ARG A 200 -10.54 -0.83 -7.43
CA ARG A 200 -10.14 -2.25 -7.39
C ARG A 200 -9.53 -2.64 -8.74
N LYS A 201 -10.13 -2.19 -9.83
CA LYS A 201 -9.60 -2.41 -11.20
C LYS A 201 -8.19 -1.78 -11.28
N PHE A 202 -8.05 -0.51 -10.87
CA PHE A 202 -6.76 0.21 -10.88
C PHE A 202 -5.71 -0.46 -9.97
N LEU A 203 -6.12 -1.03 -8.84
CA LEU A 203 -5.14 -1.60 -7.87
C LEU A 203 -4.47 -2.83 -8.47
N GLY A 204 -5.25 -3.68 -9.15
CA GLY A 204 -4.76 -4.88 -9.84
C GLY A 204 -4.28 -5.97 -8.89
N ILE A 205 -4.25 -5.70 -7.59
CA ILE A 205 -3.89 -6.67 -6.53
C ILE A 205 -5.17 -7.13 -5.84
N PRO A 206 -5.17 -8.30 -5.21
CA PRO A 206 -6.27 -8.68 -4.34
C PRO A 206 -6.36 -7.77 -3.11
N THR A 207 -7.59 -7.44 -2.72
CA THR A 207 -7.91 -6.81 -1.42
C THR A 207 -9.02 -7.64 -0.77
N VAL A 208 -9.39 -7.25 0.44
CA VAL A 208 -10.51 -7.81 1.23
C VAL A 208 -11.78 -7.90 0.35
N PHE A 209 -11.98 -6.95 -0.57
CA PHE A 209 -13.24 -6.86 -1.36
C PHE A 209 -13.44 -8.12 -2.22
N ASN A 210 -12.34 -8.81 -2.57
CA ASN A 210 -12.34 -10.00 -3.46
C ASN A 210 -13.14 -11.15 -2.83
N VAL A 211 -13.30 -11.21 -1.51
CA VAL A 211 -13.94 -12.40 -0.87
C VAL A 211 -15.30 -12.05 -0.26
N LEU A 212 -15.79 -10.82 -0.41
CA LEU A 212 -17.04 -10.36 0.26
C LEU A 212 -18.31 -10.86 -0.46
N GLY A 213 -18.28 -11.01 -1.79
CA GLY A 213 -19.47 -11.38 -2.60
C GLY A 213 -20.36 -12.39 -1.90
N PRO A 214 -19.85 -13.61 -1.62
CA PRO A 214 -20.64 -14.65 -0.94
C PRO A 214 -21.22 -14.28 0.43
N LEU A 215 -20.66 -13.26 1.10
CA LEU A 215 -21.10 -12.86 2.47
C LEU A 215 -22.12 -11.72 2.43
N LEU A 216 -22.54 -11.27 1.24
CA LEU A 216 -23.42 -10.08 1.09
C LEU A 216 -24.87 -10.48 0.77
N HIS A 217 -25.35 -11.68 1.12
CA HIS A 217 -26.70 -12.12 0.69
C HIS A 217 -27.72 -11.18 1.33
N PRO A 218 -28.62 -10.54 0.55
CA PRO A 218 -29.59 -9.60 1.14
C PRO A 218 -30.84 -10.21 1.79
N VAL A 219 -30.98 -11.53 1.76
CA VAL A 219 -32.14 -12.22 2.37
C VAL A 219 -31.62 -13.01 3.58
N SER A 220 -31.94 -12.55 4.78
CA SER A 220 -31.50 -13.18 6.04
C SER A 220 -32.16 -14.55 6.28
N HIS A 221 -33.25 -14.89 5.59
CA HIS A 221 -34.01 -16.17 5.80
C HIS A 221 -33.26 -17.37 5.22
N VAL A 222 -32.30 -17.14 4.33
CA VAL A 222 -31.46 -18.25 3.78
C VAL A 222 -30.82 -18.93 5.00
N ASN A 223 -30.93 -20.25 5.10
CA ASN A 223 -30.50 -20.96 6.33
C ASN A 223 -29.42 -22.00 6.02
N LYS A 224 -29.17 -22.39 4.76
CA LYS A 224 -28.00 -23.24 4.41
C LYS A 224 -27.34 -22.69 3.14
N ARG A 225 -26.03 -22.93 2.95
CA ARG A 225 -25.34 -22.48 1.73
C ARG A 225 -24.06 -23.29 1.49
N ILE A 226 -23.66 -23.36 0.21
CA ILE A 226 -22.28 -23.72 -0.24
C ILE A 226 -21.56 -22.43 -0.65
N LEU A 227 -20.37 -22.18 -0.12
CA LEU A 227 -19.51 -21.03 -0.47
C LEU A 227 -18.16 -21.57 -0.93
N GLY A 228 -17.87 -21.49 -2.23
CA GLY A 228 -16.54 -21.84 -2.76
C GLY A 228 -15.50 -20.78 -2.42
N VAL A 229 -14.28 -21.19 -2.11
CA VAL A 229 -13.08 -20.30 -1.98
C VAL A 229 -11.98 -20.76 -2.92
N TYR A 230 -11.09 -19.86 -3.29
CA TYR A 230 -10.05 -20.05 -4.33
C TYR A 230 -8.82 -20.71 -3.69
N SER A 231 -8.70 -20.62 -2.36
CA SER A 231 -7.45 -20.98 -1.65
C SER A 231 -7.76 -21.89 -0.45
N LYS A 232 -7.06 -23.02 -0.38
CA LYS A 232 -6.89 -23.87 0.82
C LYS A 232 -6.58 -22.98 2.04
N GLU A 233 -5.64 -22.05 1.93
CA GLU A 233 -5.06 -21.28 3.07
C GLU A 233 -6.16 -20.43 3.73
N LEU A 234 -7.02 -19.83 2.90
CA LEU A 234 -8.11 -18.90 3.27
C LEU A 234 -9.24 -19.67 3.97
N ALA A 235 -9.51 -20.90 3.53
CA ALA A 235 -10.77 -21.61 3.79
C ALA A 235 -11.11 -21.64 5.28
N PRO A 236 -10.20 -22.04 6.18
CA PRO A 236 -10.55 -22.14 7.59
C PRO A 236 -11.06 -20.78 8.12
N GLU A 237 -10.35 -19.68 7.87
CA GLU A 237 -10.77 -18.35 8.39
C GLU A 237 -12.05 -17.90 7.68
N TYR A 238 -12.22 -18.31 6.42
CA TYR A 238 -13.43 -17.95 5.64
C TYR A 238 -14.65 -18.69 6.21
N ALA A 239 -14.49 -19.91 6.70
CA ALA A 239 -15.59 -20.65 7.39
C ALA A 239 -15.97 -19.89 8.66
N LYS A 240 -15.00 -19.41 9.44
CA LYS A 240 -15.30 -18.64 10.67
C LYS A 240 -16.08 -17.37 10.29
N ALA A 241 -15.65 -16.63 9.27
CA ALA A 241 -16.31 -15.38 8.84
C ALA A 241 -17.75 -15.68 8.43
N ALA A 242 -17.94 -16.75 7.69
CA ALA A 242 -19.27 -17.21 7.24
C ALA A 242 -20.14 -17.47 8.47
N ALA A 243 -19.58 -18.06 9.55
CA ALA A 243 -20.31 -18.32 10.81
C ALA A 243 -20.66 -17.00 11.50
N LEU A 244 -19.81 -15.97 11.40
CA LEU A 244 -20.05 -14.62 12.02
C LEU A 244 -21.10 -13.85 11.20
N VAL A 245 -21.13 -14.05 9.88
CA VAL A 245 -21.98 -13.23 8.97
C VAL A 245 -23.37 -13.87 8.90
N TYR A 246 -23.41 -15.20 8.96
CA TYR A 246 -24.63 -16.02 8.87
C TYR A 246 -24.72 -16.92 10.10
N PRO A 247 -24.93 -16.37 11.32
CA PRO A 247 -24.92 -17.17 12.56
C PRO A 247 -26.03 -18.23 12.51
N GLY A 248 -27.14 -17.92 11.84
CA GLY A 248 -28.27 -18.85 11.67
C GLY A 248 -28.16 -19.68 10.40
N SER A 249 -27.00 -20.30 10.10
CA SER A 249 -26.75 -21.01 8.81
C SER A 249 -25.87 -22.25 8.96
N GLU A 250 -26.30 -23.38 8.39
CA GLU A 250 -25.44 -24.56 8.13
C GLU A 250 -24.78 -24.37 6.76
N THR A 251 -23.46 -24.44 6.71
CA THR A 251 -22.61 -23.95 5.60
C THR A 251 -21.52 -24.97 5.28
N PHE A 252 -21.32 -25.26 3.99
CA PHE A 252 -20.13 -25.92 3.42
C PHE A 252 -19.30 -24.85 2.73
N ILE A 253 -18.03 -24.73 3.13
CA ILE A 253 -17.00 -24.00 2.34
C ILE A 253 -16.31 -25.06 1.47
N VAL A 254 -16.14 -24.81 0.17
CA VAL A 254 -15.54 -25.86 -0.71
C VAL A 254 -14.32 -25.29 -1.43
N TRP A 255 -13.28 -26.12 -1.55
CA TRP A 255 -12.07 -25.82 -2.36
C TRP A 255 -11.71 -27.08 -3.15
N GLY A 256 -11.89 -27.05 -4.47
CA GLY A 256 -11.31 -28.07 -5.38
C GLY A 256 -9.80 -27.90 -5.44
N HIS A 257 -9.06 -29.01 -5.33
CA HIS A 257 -7.57 -29.07 -5.19
C HIS A 257 -6.88 -28.59 -6.47
N VAL A 258 -7.49 -28.71 -7.64
CA VAL A 258 -6.91 -28.13 -8.89
C VAL A 258 -6.85 -26.60 -8.80
N GLY A 259 -7.47 -26.01 -7.77
CA GLY A 259 -7.60 -24.55 -7.56
C GLY A 259 -8.91 -24.04 -8.15
N LEU A 260 -10.01 -24.24 -7.43
CA LEU A 260 -11.38 -24.03 -7.95
C LEU A 260 -12.32 -23.77 -6.77
N ASP A 261 -13.21 -22.79 -6.91
CA ASP A 261 -14.19 -22.34 -5.87
C ASP A 261 -15.52 -23.10 -6.06
N GLU A 262 -15.46 -24.36 -6.47
CA GLU A 262 -16.64 -25.24 -6.65
C GLU A 262 -16.26 -26.67 -6.26
N VAL A 263 -17.23 -27.57 -6.21
CA VAL A 263 -16.94 -29.03 -6.13
C VAL A 263 -16.38 -29.41 -7.51
N SER A 264 -15.11 -29.84 -7.57
CA SER A 264 -14.35 -29.96 -8.85
C SER A 264 -14.74 -31.24 -9.58
N PRO A 265 -14.93 -31.21 -10.92
CA PRO A 265 -15.26 -32.42 -11.67
C PRO A 265 -14.00 -33.27 -11.84
N ILE A 266 -12.82 -32.75 -11.47
CA ILE A 266 -11.57 -33.57 -11.51
C ILE A 266 -10.82 -33.45 -10.18
N GLY A 267 -10.31 -34.59 -9.70
CA GLY A 267 -9.54 -34.66 -8.45
C GLY A 267 -10.44 -34.43 -7.23
N LYS A 268 -9.81 -34.08 -6.11
CA LYS A 268 -10.51 -33.97 -4.81
C LYS A 268 -11.00 -32.53 -4.57
N THR A 269 -12.01 -32.42 -3.71
CA THR A 269 -12.53 -31.15 -3.18
C THR A 269 -12.57 -31.29 -1.67
N THR A 270 -11.97 -30.35 -0.94
CA THR A 270 -12.09 -30.31 0.53
C THR A 270 -13.38 -29.55 0.87
N VAL A 271 -14.09 -30.00 1.89
CA VAL A 271 -15.31 -29.33 2.44
C VAL A 271 -15.00 -28.98 3.90
N TRP A 272 -15.17 -27.72 4.26
CA TRP A 272 -15.18 -27.28 5.68
C TRP A 272 -16.64 -27.05 6.02
N HIS A 273 -17.10 -27.72 7.07
CA HIS A 273 -18.54 -27.77 7.45
C HIS A 273 -18.71 -26.98 8.76
N ILE A 274 -19.55 -25.97 8.71
CA ILE A 274 -20.03 -25.19 9.88
C ILE A 274 -21.37 -25.76 10.24
N ASP A 275 -21.46 -26.59 11.28
CA ASP A 275 -22.77 -27.09 11.79
C ASP A 275 -23.05 -26.35 13.08
N PRO A 276 -24.02 -25.41 13.10
CA PRO A 276 -24.30 -24.59 14.30
C PRO A 276 -25.11 -25.33 15.39
N THR A 277 -24.51 -26.34 16.02
CA THR A 277 -25.21 -27.38 16.84
C THR A 277 -25.12 -27.07 18.34
N LYS A 282 -17.14 -25.21 16.05
CA LYS A 282 -16.46 -26.45 15.57
C LYS A 282 -16.42 -26.49 14.04
N LEU A 283 -15.25 -26.82 13.49
CA LEU A 283 -14.99 -26.89 12.03
C LEU A 283 -14.77 -28.34 11.67
N LYS A 284 -15.75 -28.97 11.02
CA LYS A 284 -15.60 -30.38 10.61
C LYS A 284 -15.07 -30.38 9.19
N THR A 285 -14.30 -31.39 8.81
CA THR A 285 -13.79 -31.48 7.42
C THR A 285 -13.97 -32.89 6.85
N PHE A 286 -14.21 -32.95 5.54
CA PHE A 286 -14.21 -34.21 4.76
C PHE A 286 -13.80 -33.89 3.32
N GLN A 287 -13.88 -34.89 2.44
CA GLN A 287 -13.32 -34.80 1.07
C GLN A 287 -14.31 -35.44 0.10
N LEU A 288 -14.45 -34.82 -1.07
CA LEU A 288 -15.34 -35.28 -2.17
C LEU A 288 -14.47 -35.61 -3.39
N GLU A 289 -14.96 -36.55 -4.18
CA GLU A 289 -14.28 -37.13 -5.37
C GLU A 289 -15.43 -37.57 -6.26
N PRO A 290 -15.45 -37.26 -7.57
CA PRO A 290 -16.57 -37.64 -8.43
C PRO A 290 -16.99 -39.11 -8.31
N SER A 291 -16.07 -40.04 -8.05
CA SER A 291 -16.39 -41.49 -7.85
C SER A 291 -17.40 -41.65 -6.69
N MET A 292 -17.35 -40.80 -5.67
CA MET A 292 -18.33 -40.90 -4.55
C MET A 292 -19.75 -40.66 -5.06
N PHE A 293 -19.91 -40.03 -6.23
CA PHE A 293 -21.23 -39.70 -6.83
C PHE A 293 -21.60 -40.69 -7.95
N GLY A 294 -20.73 -41.67 -8.22
CA GLY A 294 -20.91 -42.61 -9.35
C GLY A 294 -20.62 -41.93 -10.68
N LEU A 295 -19.74 -40.92 -10.69
CA LEU A 295 -19.41 -40.08 -11.88
C LEU A 295 -17.96 -40.32 -12.29
N GLU A 296 -17.71 -40.32 -13.60
CA GLU A 296 -16.35 -40.20 -14.18
C GLU A 296 -15.79 -38.81 -13.87
N GLU A 297 -14.46 -38.72 -13.75
CA GLU A 297 -13.68 -37.47 -13.68
C GLU A 297 -13.66 -36.78 -15.06
N HIS A 298 -13.69 -35.44 -15.09
CA HIS A 298 -13.65 -34.64 -16.35
C HIS A 298 -12.66 -33.50 -16.14
N GLU A 299 -11.72 -33.33 -17.04
CA GLU A 299 -10.77 -32.19 -17.01
C GLU A 299 -11.56 -30.86 -17.06
N LEU A 300 -11.04 -29.80 -16.45
CA LEU A 300 -11.67 -28.46 -16.49
C LEU A 300 -11.92 -28.04 -17.94
N SER A 301 -11.04 -28.46 -18.86
CA SER A 301 -11.13 -28.19 -20.32
C SER A 301 -12.43 -28.74 -20.91
N LYS A 302 -13.02 -29.78 -20.32
CA LYS A 302 -14.31 -30.34 -20.82
C LYS A 302 -15.49 -29.62 -20.16
N CYS A 303 -15.25 -28.80 -19.13
CA CYS A 303 -16.30 -28.09 -18.37
C CYS A 303 -16.10 -26.58 -18.48
N ALA A 304 -15.76 -26.11 -19.67
CA ALA A 304 -15.33 -24.70 -19.85
C ALA A 304 -16.59 -23.83 -19.96
N SER A 305 -16.48 -22.59 -19.45
CA SER A 305 -17.44 -21.46 -19.64
C SER A 305 -17.53 -21.10 -21.13
N TYR A 306 -18.70 -21.25 -21.73
CA TYR A 306 -18.91 -20.95 -23.18
C TYR A 306 -19.45 -19.52 -23.33
N GLY A 307 -19.39 -18.72 -22.25
CA GLY A 307 -19.91 -17.33 -22.18
C GLY A 307 -21.37 -17.31 -21.70
N PRO A 308 -21.85 -16.19 -21.11
CA PRO A 308 -23.23 -16.09 -20.61
C PRO A 308 -24.35 -16.56 -21.57
N LYS A 309 -24.33 -16.12 -22.82
CA LYS A 309 -25.42 -16.43 -23.78
C LYS A 309 -25.38 -17.94 -24.11
N GLU A 310 -24.19 -18.45 -24.39
CA GLU A 310 -23.94 -19.87 -24.77
C GLU A 310 -24.23 -20.80 -23.58
N ASN A 311 -23.72 -20.44 -22.39
CA ASN A 311 -23.95 -21.20 -21.12
C ASN A 311 -25.47 -21.37 -20.91
N ALA A 312 -26.22 -20.28 -21.02
CA ALA A 312 -27.70 -20.28 -20.87
C ALA A 312 -28.33 -21.24 -21.90
N ARG A 313 -27.83 -21.21 -23.13
CA ARG A 313 -28.33 -22.08 -24.25
C ARG A 313 -28.12 -23.55 -23.84
N ILE A 314 -26.87 -23.93 -23.53
CA ILE A 314 -26.52 -25.30 -23.06
C ILE A 314 -27.45 -25.71 -21.92
N LEU A 315 -27.56 -24.87 -20.88
CA LEU A 315 -28.32 -25.24 -19.65
C LEU A 315 -29.79 -25.52 -19.99
N LYS A 316 -30.42 -24.69 -20.80
CA LYS A 316 -31.88 -24.86 -21.08
C LYS A 316 -32.09 -25.92 -22.17
N GLU A 317 -31.23 -25.95 -23.20
CA GLU A 317 -31.36 -26.88 -24.36
C GLU A 317 -30.80 -28.27 -23.99
N GLU A 318 -29.48 -28.37 -23.78
CA GLU A 318 -28.73 -29.64 -23.52
C GLU A 318 -29.09 -30.25 -22.15
N VAL A 319 -29.34 -29.48 -21.07
CA VAL A 319 -29.39 -30.01 -19.66
C VAL A 319 -30.83 -30.07 -19.10
N LEU A 320 -31.56 -28.96 -19.08
CA LEU A 320 -32.90 -28.92 -18.42
C LEU A 320 -33.96 -29.59 -19.31
N SER A 321 -33.69 -29.71 -20.61
CA SER A 321 -34.56 -30.41 -21.62
C SER A 321 -34.59 -31.91 -21.34
N GLY A 322 -33.56 -32.48 -20.70
CA GLY A 322 -33.45 -33.93 -20.42
C GLY A 322 -32.77 -34.68 -21.56
N LYS A 323 -31.95 -33.98 -22.34
CA LYS A 323 -31.14 -34.52 -23.46
C LYS A 323 -30.07 -35.45 -22.92
N TYR A 324 -29.57 -35.18 -21.72
CA TYR A 324 -28.45 -35.93 -21.11
C TYR A 324 -28.98 -36.62 -19.86
N HIS A 325 -28.48 -37.82 -19.59
CA HIS A 325 -28.84 -38.65 -18.40
C HIS A 325 -27.57 -39.01 -17.64
N LEU A 326 -27.72 -39.48 -16.41
CA LEU A 326 -26.65 -40.15 -15.64
C LEU A 326 -26.20 -41.34 -16.51
N GLY A 327 -24.89 -41.50 -16.72
CA GLY A 327 -24.32 -42.60 -17.53
C GLY A 327 -23.90 -42.16 -18.92
N ASP A 328 -24.33 -40.99 -19.39
CA ASP A 328 -23.94 -40.42 -20.71
C ASP A 328 -22.54 -39.80 -20.61
N ASN A 329 -22.07 -39.53 -19.37
CA ASN A 329 -20.72 -38.97 -19.06
C ASN A 329 -20.55 -37.63 -19.78
N ASN A 330 -21.66 -36.88 -19.96
CA ASN A 330 -21.57 -35.51 -20.53
C ASN A 330 -20.94 -34.63 -19.46
N PRO A 331 -19.76 -33.99 -19.71
CA PRO A 331 -19.03 -33.30 -18.65
C PRO A 331 -19.86 -32.22 -17.92
N ILE A 332 -20.49 -31.31 -18.66
CA ILE A 332 -21.28 -30.18 -18.10
C ILE A 332 -22.39 -30.78 -17.23
N TYR A 333 -23.01 -31.82 -17.74
CA TYR A 333 -24.21 -32.38 -17.10
C TYR A 333 -23.78 -33.04 -15.79
N ASP A 334 -22.70 -33.82 -15.83
CA ASP A 334 -22.15 -34.50 -14.63
C ASP A 334 -21.80 -33.42 -13.60
N TYR A 335 -21.21 -32.33 -14.06
CA TYR A 335 -20.66 -31.24 -13.21
C TYR A 335 -21.83 -30.62 -12.43
N ILE A 336 -22.94 -30.36 -13.12
CA ILE A 336 -24.20 -29.83 -12.55
C ILE A 336 -24.84 -30.87 -11.59
N LEU A 337 -24.95 -32.14 -11.98
CA LEU A 337 -25.54 -33.21 -11.13
C LEU A 337 -24.77 -33.26 -9.81
N MET A 338 -23.44 -33.27 -9.86
CA MET A 338 -22.61 -33.42 -8.64
C MET A 338 -22.85 -32.24 -7.67
N ASN A 339 -22.76 -31.01 -8.16
CA ASN A 339 -22.93 -29.80 -7.32
C ASN A 339 -24.36 -29.79 -6.77
N THR A 340 -25.36 -30.17 -7.57
CA THR A 340 -26.75 -30.32 -7.09
C THR A 340 -26.80 -31.34 -5.96
N ALA A 341 -26.11 -32.46 -6.09
CA ALA A 341 -26.21 -33.59 -5.13
C ALA A 341 -25.66 -33.13 -3.78
N VAL A 342 -24.63 -32.29 -3.81
CA VAL A 342 -23.98 -31.75 -2.58
C VAL A 342 -24.97 -30.79 -1.92
N LEU A 343 -25.65 -29.94 -2.70
CA LEU A 343 -26.71 -29.03 -2.18
C LEU A 343 -27.78 -29.88 -1.49
N TYR A 344 -28.20 -30.97 -2.15
CA TYR A 344 -29.29 -31.82 -1.61
C TYR A 344 -28.87 -32.42 -0.25
N CYS A 345 -27.65 -32.95 -0.19
CA CYS A 345 -27.13 -33.62 1.03
C CYS A 345 -26.95 -32.59 2.15
N LEU A 346 -26.45 -31.39 1.82
CA LEU A 346 -26.37 -30.30 2.81
C LEU A 346 -27.78 -30.07 3.38
N SER A 347 -28.79 -30.02 2.51
CA SER A 347 -30.19 -29.62 2.87
C SER A 347 -30.80 -30.67 3.80
N GLN A 348 -30.36 -31.92 3.71
CA GLN A 348 -31.01 -33.07 4.40
C GLN A 348 -30.20 -33.50 5.63
N GLY A 349 -28.98 -33.00 5.80
CA GLY A 349 -28.13 -33.29 6.98
C GLY A 349 -27.50 -34.68 6.92
N HIS A 350 -27.22 -35.19 5.72
CA HIS A 350 -26.50 -36.49 5.55
C HIS A 350 -25.45 -36.37 4.44
N GLN A 351 -24.73 -37.46 4.18
CA GLN A 351 -23.68 -37.57 3.13
C GLN A 351 -24.02 -38.71 2.16
N ASN A 352 -25.30 -38.91 1.84
CA ASN A 352 -25.72 -39.93 0.84
C ASN A 352 -25.63 -39.31 -0.56
N TRP A 353 -24.40 -39.19 -1.07
CA TRP A 353 -24.10 -38.44 -2.30
C TRP A 353 -24.87 -39.08 -3.46
N LYS A 354 -24.99 -40.41 -3.49
CA LYS A 354 -25.67 -41.12 -4.62
C LYS A 354 -27.19 -40.88 -4.54
N GLU A 355 -27.77 -40.81 -3.35
CA GLU A 355 -29.15 -40.28 -3.16
C GLU A 355 -29.23 -38.85 -3.72
N GLY A 356 -28.26 -37.98 -3.39
CA GLY A 356 -28.19 -36.64 -4.01
C GLY A 356 -28.29 -36.69 -5.53
N ILE A 357 -27.55 -37.59 -6.16
CA ILE A 357 -27.58 -37.77 -7.64
C ILE A 357 -29.00 -38.15 -8.08
N ILE A 358 -29.63 -39.12 -7.40
CA ILE A 358 -30.97 -39.64 -7.80
C ILE A 358 -31.97 -38.46 -7.73
N LYS A 359 -31.89 -37.63 -6.68
CA LYS A 359 -32.83 -36.49 -6.48
C LYS A 359 -32.62 -35.43 -7.56
N ALA A 360 -31.35 -35.17 -7.91
CA ALA A 360 -30.97 -34.23 -8.99
C ALA A 360 -31.46 -34.78 -10.34
N GLU A 361 -31.14 -36.04 -10.65
CA GLU A 361 -31.53 -36.67 -11.93
C GLU A 361 -33.07 -36.58 -12.04
N GLU A 362 -33.78 -36.89 -10.96
CA GLU A 362 -35.27 -36.86 -10.90
C GLU A 362 -35.81 -35.43 -11.10
N SER A 363 -35.14 -34.38 -10.60
CA SER A 363 -35.59 -32.98 -10.78
C SER A 363 -35.43 -32.55 -12.25
N ILE A 364 -34.38 -33.01 -12.94
CA ILE A 364 -34.20 -32.70 -14.38
C ILE A 364 -35.30 -33.44 -15.20
N HIS A 365 -35.44 -34.75 -15.01
CA HIS A 365 -36.17 -35.66 -15.95
C HIS A 365 -37.69 -35.67 -15.69
N SER A 366 -38.15 -35.35 -14.47
CA SER A 366 -39.57 -35.06 -14.14
C SER A 366 -40.05 -33.77 -14.85
N GLY A 367 -39.12 -32.93 -15.33
CA GLY A 367 -39.38 -31.56 -15.83
C GLY A 367 -39.44 -30.52 -14.70
N ASN A 368 -39.52 -30.95 -13.43
CA ASN A 368 -39.75 -30.07 -12.25
C ASN A 368 -38.74 -28.92 -12.19
N ALA A 369 -37.51 -29.13 -12.69
CA ALA A 369 -36.42 -28.13 -12.71
C ALA A 369 -36.72 -27.05 -13.75
N LEU A 370 -37.07 -27.46 -14.97
CA LEU A 370 -37.32 -26.49 -16.08
C LEU A 370 -38.50 -25.60 -15.69
N ARG A 371 -39.53 -26.22 -15.11
CA ARG A 371 -40.76 -25.56 -14.58
C ARG A 371 -40.37 -24.58 -13.47
N SER A 372 -39.52 -24.96 -12.50
CA SER A 372 -39.10 -24.04 -11.40
C SER A 372 -38.44 -22.81 -12.00
N LEU A 373 -37.50 -23.00 -12.92
CA LEU A 373 -36.85 -21.84 -13.57
C LEU A 373 -37.91 -21.03 -14.31
N GLU A 374 -38.82 -21.71 -15.02
CA GLU A 374 -39.84 -21.05 -15.88
C GLU A 374 -40.77 -20.21 -14.99
N HIS A 375 -41.24 -20.76 -13.87
CA HIS A 375 -42.09 -20.02 -12.90
C HIS A 375 -41.40 -18.68 -12.52
N PHE A 376 -40.10 -18.73 -12.23
CA PHE A 376 -39.34 -17.53 -11.79
C PHE A 376 -39.31 -16.50 -12.92
N ILE A 377 -38.95 -16.91 -14.14
CA ILE A 377 -38.82 -16.00 -15.33
C ILE A 377 -40.19 -15.34 -15.59
N ASP A 378 -41.28 -16.10 -15.41
CA ASP A 378 -42.69 -15.62 -15.59
C ASP A 378 -43.05 -14.65 -14.45
N SER A 379 -42.68 -14.97 -13.20
CA SER A 379 -42.94 -14.11 -12.02
C SER A 379 -42.33 -12.73 -12.26
N VAL A 380 -41.07 -12.73 -12.73
CA VAL A 380 -40.27 -11.50 -12.99
C VAL A 380 -40.87 -10.73 -14.17
N SER A 381 -41.41 -11.42 -15.17
CA SER A 381 -41.99 -10.82 -16.40
C SER A 381 -43.24 -10.01 -16.04
N SER A 382 -44.06 -10.54 -15.13
CA SER A 382 -45.36 -9.94 -14.68
C SER A 382 -45.15 -9.01 -13.47
N LEU A 383 -43.95 -8.46 -13.29
CA LEU A 383 -43.61 -7.55 -12.16
C LEU A 383 -43.79 -6.11 -12.64
N HIS B 1 2.94 -4.05 -21.43
CA HIS B 1 3.68 -4.52 -22.64
C HIS B 1 5.04 -3.79 -22.75
N HIS B 2 5.06 -2.46 -22.72
CA HIS B 2 6.33 -1.68 -22.64
C HIS B 2 6.85 -1.85 -21.22
N HIS B 3 8.17 -1.85 -21.02
CA HIS B 3 8.71 -2.02 -19.66
C HIS B 3 8.19 -0.89 -18.76
N MET B 4 8.16 0.34 -19.25
CA MET B 4 7.74 1.52 -18.43
C MET B 4 6.21 1.62 -18.48
N SER B 5 5.53 0.75 -17.73
CA SER B 5 4.05 0.59 -17.74
C SER B 5 3.52 0.30 -16.33
N GLU B 6 2.23 0.56 -16.14
CA GLU B 6 1.46 0.12 -14.94
C GLU B 6 1.65 -1.39 -14.73
N ALA B 7 1.60 -2.19 -15.81
CA ALA B 7 1.75 -3.66 -15.72
C ALA B 7 3.09 -4.00 -15.02
N THR B 8 4.20 -3.40 -15.45
CA THR B 8 5.51 -3.67 -14.82
C THR B 8 5.47 -3.24 -13.36
N LEU B 9 4.93 -2.06 -13.06
CA LEU B 9 4.85 -1.58 -11.67
C LEU B 9 4.05 -2.59 -10.83
N LEU B 10 2.89 -3.01 -11.35
CA LEU B 10 2.01 -3.97 -10.63
C LEU B 10 2.80 -5.26 -10.31
N SER B 11 3.62 -5.74 -11.24
CA SER B 11 4.38 -7.00 -11.05
C SER B 11 5.35 -6.84 -9.88
N TYR B 12 5.90 -5.64 -9.70
CA TYR B 12 6.85 -5.38 -8.58
C TYR B 12 6.06 -5.29 -7.28
N THR B 13 4.90 -4.64 -7.29
CA THR B 13 4.03 -4.61 -6.09
C THR B 13 3.68 -6.05 -5.65
N LYS B 14 3.28 -6.91 -6.60
CA LYS B 14 2.95 -8.33 -6.30
C LYS B 14 4.16 -9.04 -5.66
N LYS B 15 5.41 -8.81 -6.09
CA LYS B 15 6.59 -9.39 -5.38
C LYS B 15 6.58 -8.96 -3.91
N LEU B 16 6.07 -7.77 -3.60
CA LEU B 16 6.04 -7.19 -2.22
C LEU B 16 4.94 -7.86 -1.36
N LEU B 17 3.83 -8.34 -1.96
CA LEU B 17 2.69 -9.00 -1.23
C LEU B 17 2.99 -10.49 -0.96
N ALA B 18 4.02 -11.07 -1.59
CA ALA B 18 4.45 -12.48 -1.42
C ALA B 18 5.02 -12.71 -0.01
N SER B 19 4.97 -13.97 0.46
CA SER B 19 5.45 -14.39 1.80
C SER B 19 6.52 -15.47 1.63
N PRO B 20 7.81 -15.15 1.86
CA PRO B 20 8.24 -13.81 2.22
C PRO B 20 8.28 -12.91 0.98
N PRO B 21 8.44 -11.57 1.15
CA PRO B 21 8.55 -10.66 0.01
C PRO B 21 9.68 -11.06 -0.94
N GLN B 22 9.46 -10.95 -2.25
CA GLN B 22 10.42 -11.35 -3.33
C GLN B 22 10.98 -10.11 -4.07
N LEU B 23 10.82 -8.90 -3.55
CA LEU B 23 11.37 -7.68 -4.19
C LEU B 23 12.85 -7.55 -3.81
N SER B 24 13.74 -7.63 -4.78
CA SER B 24 15.20 -7.44 -4.56
C SER B 24 15.48 -5.94 -4.50
N SER B 25 16.62 -5.57 -3.94
CA SER B 25 17.14 -4.19 -3.92
C SER B 25 17.19 -3.63 -5.35
N THR B 26 17.57 -4.43 -6.35
CA THR B 26 17.68 -4.04 -7.78
C THR B 26 16.26 -3.90 -8.36
N ASP B 27 15.34 -4.77 -7.96
CA ASP B 27 13.91 -4.59 -8.34
C ASP B 27 13.43 -3.23 -7.83
N LEU B 28 13.79 -2.84 -6.60
CA LEU B 28 13.31 -1.54 -6.09
C LEU B 28 13.86 -0.43 -6.99
N HIS B 29 15.15 -0.49 -7.40
CA HIS B 29 15.74 0.49 -8.35
C HIS B 29 14.86 0.55 -9.60
N ASP B 30 14.57 -0.61 -10.18
CA ASP B 30 13.82 -0.77 -11.45
C ASP B 30 12.39 -0.26 -11.26
N ALA B 31 11.73 -0.64 -10.17
CA ALA B 31 10.37 -0.17 -9.86
C ALA B 31 10.38 1.36 -9.78
N LEU B 32 11.40 1.95 -9.14
CA LEU B 32 11.38 3.42 -8.95
C LEU B 32 11.54 4.09 -10.30
N LEU B 33 12.30 3.49 -11.21
CA LEU B 33 12.45 4.07 -12.57
C LEU B 33 11.09 4.03 -13.29
N VAL B 34 10.31 2.98 -13.08
CA VAL B 34 8.95 2.87 -13.70
C VAL B 34 8.05 3.94 -13.09
N ILE B 35 8.11 4.13 -11.78
CA ILE B 35 7.25 5.12 -11.08
C ILE B 35 7.58 6.51 -11.60
N LEU B 36 8.87 6.82 -11.76
CA LEU B 36 9.26 8.17 -12.20
C LEU B 36 8.86 8.41 -13.66
N SER B 37 9.05 7.44 -14.57
CA SER B 37 8.55 7.49 -15.98
C SER B 37 7.03 7.73 -16.00
N LEU B 38 6.29 6.88 -15.27
CA LEU B 38 4.80 6.93 -15.19
C LEU B 38 4.34 8.31 -14.70
N LEU B 39 5.03 8.89 -13.71
CA LEU B 39 4.59 10.16 -13.10
C LEU B 39 5.01 11.35 -13.98
N GLN B 40 6.18 11.32 -14.64
CA GLN B 40 6.61 12.47 -15.47
C GLN B 40 5.63 12.64 -16.66
N LYS B 41 5.12 11.52 -17.21
CA LYS B 41 4.25 11.49 -18.43
C LYS B 41 2.77 11.59 -18.07
N CYS B 42 2.43 11.95 -16.83
CA CYS B 42 1.02 11.94 -16.36
C CYS B 42 0.19 12.96 -17.11
N ASP B 43 -0.88 12.47 -17.74
CA ASP B 43 -1.94 13.25 -18.42
C ASP B 43 -2.92 13.74 -17.37
N THR B 44 -2.88 15.03 -17.03
CA THR B 44 -3.73 15.71 -16.02
C THR B 44 -5.22 15.41 -16.26
N ASN B 45 -5.93 15.03 -15.18
CA ASN B 45 -7.39 14.74 -15.20
C ASN B 45 -7.72 13.49 -16.03
N SER B 46 -6.76 12.65 -16.42
CA SER B 46 -7.03 11.39 -17.18
C SER B 46 -7.32 10.24 -16.21
N ASP B 47 -8.08 9.25 -16.65
CA ASP B 47 -8.33 8.02 -15.85
C ASP B 47 -6.96 7.43 -15.51
N GLU B 48 -6.04 7.53 -16.48
CA GLU B 48 -4.68 6.95 -16.43
C GLU B 48 -3.94 7.55 -15.24
N SER B 49 -4.12 8.85 -14.99
CA SER B 49 -3.47 9.55 -13.85
C SER B 49 -3.97 8.92 -12.54
N LEU B 50 -5.27 8.65 -12.40
CA LEU B 50 -5.87 8.03 -11.18
C LEU B 50 -5.31 6.63 -10.96
N SER B 51 -5.28 5.85 -12.03
CA SER B 51 -4.80 4.46 -12.03
C SER B 51 -3.34 4.41 -11.56
N ILE B 52 -2.52 5.30 -12.14
CA ILE B 52 -1.06 5.46 -11.83
C ILE B 52 -0.90 5.86 -10.36
N TYR B 53 -1.58 6.92 -9.91
CA TYR B 53 -1.47 7.33 -8.49
C TYR B 53 -1.92 6.16 -7.60
N THR B 54 -2.91 5.39 -8.04
CA THR B 54 -3.36 4.19 -7.29
C THR B 54 -2.20 3.19 -7.17
N LYS B 55 -1.53 2.88 -8.28
CA LYS B 55 -0.52 1.80 -8.26
C LYS B 55 0.76 2.28 -7.57
N VAL B 56 1.10 3.56 -7.67
CA VAL B 56 2.31 4.13 -7.01
C VAL B 56 2.04 4.16 -5.50
N SER B 57 0.84 4.59 -5.11
CA SER B 57 0.43 4.60 -3.68
C SER B 57 0.59 3.18 -3.13
N SER B 58 0.11 2.21 -3.88
CA SER B 58 0.05 0.81 -3.45
C SER B 58 1.50 0.32 -3.27
N PHE B 59 2.35 0.56 -4.24
CA PHE B 59 3.76 0.09 -4.23
C PHE B 59 4.47 0.69 -3.00
N LEU B 60 4.43 2.01 -2.90
CA LEU B 60 5.15 2.78 -1.86
C LEU B 60 4.68 2.33 -0.47
N THR B 61 3.39 2.06 -0.29
CA THR B 61 2.82 1.59 1.01
C THR B 61 3.29 0.17 1.32
N ALA B 62 3.14 -0.73 0.35
CA ALA B 62 3.60 -2.12 0.47
C ALA B 62 5.06 -2.10 0.94
N LEU B 63 5.87 -1.23 0.33
CA LEU B 63 7.32 -1.14 0.60
C LEU B 63 7.52 -0.67 2.05
N ARG B 64 6.75 0.32 2.53
CA ARG B 64 6.84 0.79 3.95
C ARG B 64 6.50 -0.37 4.90
N VAL B 65 5.43 -1.11 4.61
CA VAL B 65 4.87 -2.18 5.50
C VAL B 65 5.91 -3.29 5.66
N THR B 66 6.55 -3.73 4.57
CA THR B 66 7.59 -4.79 4.58
C THR B 66 8.85 -4.32 5.34
N LYS B 67 9.07 -3.00 5.45
CA LYS B 67 10.26 -2.33 6.05
C LYS B 67 11.51 -2.51 5.18
N LEU B 68 11.43 -3.00 3.96
CA LEU B 68 12.67 -3.19 3.14
C LEU B 68 13.27 -1.82 2.79
N ASP B 69 12.48 -0.74 2.78
CA ASP B 69 12.98 0.64 2.53
C ASP B 69 13.83 1.14 3.73
N HIS B 70 14.04 0.32 4.76
CA HIS B 70 14.98 0.65 5.87
C HIS B 70 16.24 -0.21 5.80
N LYS B 71 16.40 -0.99 4.71
CA LYS B 71 17.57 -1.87 4.48
C LYS B 71 18.58 -1.13 3.59
N ALA B 72 19.85 -1.10 4.03
CA ALA B 72 20.97 -0.39 3.39
C ALA B 72 20.89 -0.51 1.86
N GLU B 73 20.88 -1.72 1.35
CA GLU B 73 21.02 -2.02 -0.10
C GLU B 73 19.85 -1.40 -0.86
N TYR B 74 18.67 -1.37 -0.23
CA TYR B 74 17.41 -0.87 -0.84
C TYR B 74 17.42 0.67 -0.88
N ILE B 75 17.86 1.29 0.21
CA ILE B 75 18.03 2.77 0.33
C ILE B 75 18.98 3.23 -0.77
N ALA B 76 20.11 2.54 -0.94
CA ALA B 76 21.14 2.87 -1.95
C ALA B 76 20.57 2.72 -3.37
N GLU B 77 19.92 1.62 -3.67
CA GLU B 77 19.34 1.42 -5.02
C GLU B 77 18.29 2.50 -5.27
N ALA B 78 17.53 2.85 -4.23
CA ALA B 78 16.48 3.90 -4.31
C ALA B 78 17.12 5.25 -4.64
N ALA B 79 18.21 5.61 -3.95
CA ALA B 79 18.90 6.91 -4.19
C ALA B 79 19.40 6.90 -5.63
N LYS B 80 19.99 5.79 -6.05
CA LYS B 80 20.58 5.63 -7.39
C LYS B 80 19.48 5.83 -8.44
N ALA B 81 18.27 5.27 -8.24
CA ALA B 81 17.17 5.35 -9.23
C ALA B 81 16.71 6.80 -9.36
N VAL B 82 16.57 7.46 -8.21
CA VAL B 82 16.14 8.89 -8.14
C VAL B 82 17.18 9.76 -8.85
N LEU B 83 18.46 9.47 -8.61
CA LEU B 83 19.59 10.24 -9.19
C LEU B 83 19.56 10.19 -10.71
N ARG B 84 18.94 9.18 -11.31
CA ARG B 84 18.86 9.05 -12.79
C ARG B 84 17.98 10.16 -13.38
N HIS B 85 17.12 10.79 -12.58
CA HIS B 85 16.27 11.93 -13.03
C HIS B 85 16.86 13.27 -12.58
N SER B 86 18.11 13.27 -12.06
CA SER B 86 18.77 14.45 -11.44
C SER B 86 19.76 15.08 -12.41
N ASP B 87 19.90 16.42 -12.34
CA ASP B 87 21.02 17.18 -12.98
C ASP B 87 22.25 17.05 -12.09
N LEU B 88 23.26 16.30 -12.53
CA LEU B 88 24.53 16.13 -11.77
C LEU B 88 25.53 17.22 -12.22
N VAL B 89 26.38 17.67 -11.30
CA VAL B 89 27.33 18.78 -11.58
C VAL B 89 28.58 18.16 -12.21
N ASP B 90 28.93 18.63 -13.41
CA ASP B 90 30.16 18.25 -14.15
C ASP B 90 31.25 19.30 -13.83
N LEU B 91 32.28 18.88 -13.10
CA LEU B 91 33.41 19.74 -12.69
C LEU B 91 34.69 19.26 -13.38
N PRO B 92 35.56 20.18 -13.86
CA PRO B 92 36.93 19.83 -14.25
C PRO B 92 37.72 19.14 -13.11
N LEU B 93 38.36 18.00 -13.38
CA LEU B 93 39.27 17.34 -12.40
C LEU B 93 40.53 18.19 -12.24
N PRO B 105 41.92 21.78 -0.99
CA PRO B 105 41.23 21.69 0.29
C PRO B 105 40.29 20.48 0.37
N VAL B 106 39.87 20.12 1.57
CA VAL B 106 38.90 19.02 1.81
C VAL B 106 37.49 19.59 1.59
N ILE B 107 36.68 18.94 0.75
CA ILE B 107 35.27 19.37 0.49
C ILE B 107 34.31 18.56 1.35
N LEU B 108 33.50 19.24 2.18
CA LEU B 108 32.54 18.58 3.10
C LEU B 108 31.12 19.05 2.81
N ASP B 109 30.16 18.18 3.12
CA ASP B 109 28.71 18.45 3.23
C ASP B 109 28.32 18.14 4.67
N ILE B 110 27.23 18.76 5.15
CA ILE B 110 26.59 18.47 6.47
C ILE B 110 25.07 18.62 6.28
N VAL B 111 24.31 17.58 6.67
CA VAL B 111 22.85 17.54 6.43
C VAL B 111 22.24 16.35 7.19
N GLY B 112 20.94 16.46 7.48
CA GLY B 112 20.13 15.46 8.20
C GLY B 112 19.00 14.93 7.34
N THR B 113 18.57 13.70 7.60
CA THR B 113 17.33 13.12 7.04
C THR B 113 16.13 14.01 7.40
N GLY B 114 16.14 14.74 8.50
CA GLY B 114 14.89 15.23 9.11
C GLY B 114 14.02 14.04 9.54
N GLY B 115 12.75 14.28 9.83
CA GLY B 115 11.81 13.26 10.34
C GLY B 115 11.95 13.00 11.84
N ASP B 116 12.66 13.85 12.60
CA ASP B 116 12.95 13.60 14.04
C ASP B 116 11.95 14.34 14.94
N GLY B 117 10.93 15.00 14.35
CA GLY B 117 9.91 15.79 15.05
C GLY B 117 10.48 16.87 15.97
N GLN B 118 11.62 17.49 15.64
CA GLN B 118 12.27 18.57 16.45
C GLN B 118 12.25 19.89 15.64
N ASN B 119 12.37 21.04 16.29
CA ASN B 119 12.54 22.33 15.56
C ASN B 119 13.58 23.20 16.27
N THR B 120 14.84 22.77 16.20
CA THR B 120 16.01 23.55 16.67
C THR B 120 16.46 24.52 15.56
N PHE B 121 17.24 25.52 15.94
CA PHE B 121 17.95 26.48 15.06
C PHE B 121 18.60 25.70 13.91
N ASN B 122 18.72 26.32 12.72
CA ASN B 122 19.40 25.72 11.54
C ASN B 122 20.89 25.74 11.85
N VAL B 123 21.35 24.83 12.71
CA VAL B 123 22.79 24.65 13.06
C VAL B 123 23.53 24.11 11.82
N SER B 124 22.85 23.32 11.00
CA SER B 124 23.41 22.62 9.81
C SER B 124 24.00 23.64 8.84
N THR B 125 23.19 24.59 8.36
CA THR B 125 23.67 25.67 7.46
C THR B 125 24.66 26.57 8.21
N SER B 126 24.40 26.83 9.49
CA SER B 126 25.27 27.73 10.29
C SER B 126 26.68 27.13 10.42
N ALA B 127 26.78 25.85 10.78
CA ALA B 127 28.09 25.19 10.96
C ALA B 127 28.82 25.13 9.61
N ALA B 128 28.07 24.91 8.53
CA ALA B 128 28.60 24.81 7.16
C ALA B 128 29.27 26.12 6.79
N ILE B 129 28.64 27.23 7.15
CA ILE B 129 29.16 28.59 6.87
C ILE B 129 30.38 28.85 7.76
N VAL B 130 30.32 28.51 9.05
CA VAL B 130 31.48 28.75 9.96
C VAL B 130 32.66 27.86 9.53
N ALA B 131 32.43 26.58 9.22
CA ALA B 131 33.48 25.65 8.75
C ALA B 131 34.12 26.20 7.47
N SER B 132 33.29 26.74 6.56
CA SER B 132 33.76 27.29 5.27
C SER B 132 34.71 28.48 5.49
N GLY B 133 34.75 29.04 6.71
CA GLY B 133 35.66 30.16 7.01
C GLY B 133 37.03 29.68 7.45
N ILE B 134 37.20 28.37 7.71
CA ILE B 134 38.47 27.73 8.18
C ILE B 134 39.35 27.44 6.97
N GLN B 135 40.59 27.95 6.98
CA GLN B 135 41.57 27.79 5.87
C GLN B 135 41.78 26.28 5.67
N GLY B 136 41.68 25.83 4.40
CA GLY B 136 41.88 24.42 4.00
C GLY B 136 40.55 23.68 3.87
N LEU B 137 39.42 24.27 4.29
CA LEU B 137 38.08 23.65 4.12
C LEU B 137 37.30 24.34 3.02
N LYS B 138 36.54 23.53 2.28
CA LYS B 138 35.57 24.01 1.28
C LYS B 138 34.25 23.31 1.62
N ILE B 139 33.14 24.05 1.62
CA ILE B 139 31.83 23.50 2.03
C ILE B 139 30.84 23.62 0.87
N CYS B 140 30.29 22.49 0.44
CA CYS B 140 29.24 22.40 -0.57
C CYS B 140 28.06 21.66 0.06
N LYS B 141 27.24 22.44 0.76
CA LYS B 141 26.07 21.97 1.51
C LYS B 141 24.92 21.81 0.53
N HIS B 142 24.30 20.64 0.58
CA HIS B 142 23.11 20.28 -0.22
C HIS B 142 21.95 20.13 0.77
N GLY B 143 20.81 20.75 0.51
CA GLY B 143 19.74 20.86 1.52
C GLY B 143 18.39 21.26 0.95
N GLY B 144 17.35 21.16 1.79
CA GLY B 144 15.95 21.53 1.46
C GLY B 144 15.24 20.43 0.70
N GLY B 154 17.77 26.41 4.08
CA GLY B 154 16.76 26.07 3.07
C GLY B 154 16.08 27.32 2.51
N ASP B 155 15.11 27.86 3.24
CA ASP B 155 14.63 29.25 3.03
C ASP B 155 15.68 30.20 3.64
N LEU B 156 16.47 29.73 4.60
CA LEU B 156 17.41 30.59 5.40
C LEU B 156 18.37 31.32 4.46
N ILE B 157 19.07 30.56 3.61
CA ILE B 157 20.00 31.13 2.58
C ILE B 157 19.18 32.06 1.66
N GLY B 158 17.93 31.70 1.36
CA GLY B 158 16.99 32.50 0.54
C GLY B 158 16.88 33.95 1.02
N THR B 159 16.75 34.14 2.34
CA THR B 159 16.38 35.45 2.94
C THR B 159 17.60 36.35 3.17
N LEU B 160 18.78 36.00 2.64
CA LEU B 160 19.97 36.89 2.72
C LEU B 160 20.16 37.64 1.38
N GLY B 161 19.13 37.67 0.54
CA GLY B 161 19.14 38.40 -0.74
C GLY B 161 20.05 37.75 -1.78
N CYS B 162 19.88 36.45 -2.02
CA CYS B 162 20.37 35.75 -3.24
C CYS B 162 19.36 34.68 -3.65
N ASP B 163 18.89 34.76 -4.90
CA ASP B 163 17.92 33.82 -5.52
C ASP B 163 18.59 32.44 -5.70
N MET B 164 18.22 31.46 -4.86
CA MET B 164 18.80 30.09 -4.86
C MET B 164 18.38 29.32 -6.12
N PHE B 165 17.33 29.75 -6.83
CA PHE B 165 16.95 29.14 -8.14
C PHE B 165 18.06 29.36 -9.18
N LYS B 166 18.86 30.42 -9.04
CA LYS B 166 19.99 30.70 -9.97
C LYS B 166 21.05 29.60 -9.85
N VAL B 167 21.05 28.83 -8.77
CA VAL B 167 22.07 27.76 -8.49
C VAL B 167 21.51 26.44 -9.01
N ASN B 168 22.11 25.91 -10.07
CA ASN B 168 21.71 24.66 -10.78
C ASN B 168 22.96 23.97 -11.33
N SER B 169 22.83 22.85 -12.03
CA SER B 169 23.99 22.08 -12.54
C SER B 169 24.81 22.94 -13.51
N SER B 170 24.16 23.88 -14.20
CA SER B 170 24.81 24.80 -15.18
C SER B 170 25.65 25.89 -14.48
N THR B 171 25.24 26.36 -13.29
CA THR B 171 25.91 27.52 -12.64
C THR B 171 26.90 27.05 -11.56
N VAL B 172 26.71 25.86 -10.97
CA VAL B 172 27.61 25.40 -9.86
C VAL B 172 29.07 25.40 -10.32
N PRO B 173 29.41 24.94 -11.55
CA PRO B 173 30.78 25.02 -12.05
C PRO B 173 31.39 26.43 -12.17
N LYS B 174 30.58 27.46 -12.42
CA LYS B 174 30.99 28.89 -12.41
C LYS B 174 31.28 29.36 -10.99
N LEU B 175 30.48 28.92 -10.02
CA LEU B 175 30.57 29.34 -8.61
C LEU B 175 31.72 28.62 -7.92
N TRP B 176 32.08 27.43 -8.41
CA TRP B 176 32.96 26.45 -7.71
C TRP B 176 34.37 26.99 -7.43
N PRO B 177 35.14 27.58 -8.39
CA PRO B 177 36.56 27.86 -8.18
C PRO B 177 36.91 28.91 -7.11
N ASP B 178 36.08 29.94 -6.90
CA ASP B 178 36.47 31.10 -6.04
C ASP B 178 35.63 31.14 -4.75
N ASN B 179 34.86 30.08 -4.43
CA ASN B 179 33.94 30.05 -3.25
C ASN B 179 34.38 28.97 -2.24
N THR B 180 34.61 29.38 -0.99
CA THR B 180 34.82 28.46 0.16
C THR B 180 33.46 27.90 0.62
N PHE B 181 32.37 28.64 0.43
CA PHE B 181 31.00 28.21 0.77
C PHE B 181 30.12 28.15 -0.48
N MET B 182 29.31 27.09 -0.55
CA MET B 182 28.20 26.96 -1.52
C MET B 182 27.01 26.24 -0.88
N PHE B 183 25.80 26.63 -1.29
CA PHE B 183 24.53 25.99 -0.90
C PHE B 183 23.78 25.55 -2.17
N LEU B 184 23.37 24.28 -2.24
CA LEU B 184 22.60 23.72 -3.38
C LEU B 184 21.20 23.41 -2.85
N LEU B 185 20.17 24.02 -3.42
CA LEU B 185 18.77 23.68 -3.04
C LEU B 185 18.36 22.45 -3.86
N ALA B 186 18.11 21.34 -3.18
CA ALA B 186 17.78 20.00 -3.74
C ALA B 186 16.77 20.07 -4.88
N PRO B 187 15.62 20.76 -4.73
CA PRO B 187 14.59 20.75 -5.77
C PRO B 187 15.06 21.30 -7.12
N PHE B 188 16.15 22.09 -7.14
CA PHE B 188 16.70 22.67 -8.39
C PHE B 188 17.61 21.66 -9.09
N PHE B 189 17.87 20.53 -8.45
CA PHE B 189 18.69 19.42 -9.03
C PHE B 189 17.84 18.19 -9.29
N HIS B 190 16.91 17.85 -8.37
CA HIS B 190 16.38 16.46 -8.27
C HIS B 190 14.95 16.43 -8.79
N HIS B 191 14.82 16.46 -10.12
CA HIS B 191 13.53 16.50 -10.86
C HIS B 191 12.71 15.25 -10.52
N GLY B 192 13.37 14.12 -10.21
CA GLY B 192 12.72 12.86 -9.77
C GLY B 192 11.96 13.03 -8.46
N MET B 193 12.56 13.70 -7.48
CA MET B 193 11.88 14.08 -6.22
C MET B 193 10.69 15.02 -6.53
N GLY B 194 10.83 15.91 -7.51
CA GLY B 194 9.74 16.81 -7.94
C GLY B 194 8.54 16.00 -8.41
N HIS B 195 8.78 14.88 -9.10
CA HIS B 195 7.72 14.05 -9.71
C HIS B 195 6.88 13.34 -8.65
N VAL B 196 7.47 12.92 -7.53
CA VAL B 196 6.73 12.22 -6.44
C VAL B 196 6.22 13.20 -5.38
N SER B 197 6.44 14.50 -5.56
CA SER B 197 6.16 15.55 -4.55
C SER B 197 4.68 15.51 -4.16
N LYS B 198 3.80 15.54 -5.16
CA LYS B 198 2.34 15.62 -4.91
C LYS B 198 1.85 14.31 -4.28
N ILE B 199 2.26 13.13 -4.81
CA ILE B 199 1.76 11.83 -4.25
C ILE B 199 2.30 11.66 -2.83
N ARG B 200 3.49 12.19 -2.54
CA ARG B 200 4.00 12.13 -1.14
C ARG B 200 3.05 12.91 -0.23
N LYS B 201 2.63 14.11 -0.66
CA LYS B 201 1.72 14.98 0.13
C LYS B 201 0.43 14.19 0.36
N PHE B 202 -0.12 13.59 -0.71
CA PHE B 202 -1.41 12.86 -0.70
C PHE B 202 -1.32 11.66 0.23
N LEU B 203 -0.21 10.92 0.17
CA LEU B 203 -0.02 9.68 0.97
C LEU B 203 -0.13 10.03 2.46
N GLY B 204 0.54 11.10 2.89
CA GLY B 204 0.57 11.55 4.30
C GLY B 204 1.27 10.55 5.23
N ILE B 205 1.98 9.55 4.69
CA ILE B 205 2.73 8.55 5.51
C ILE B 205 4.19 8.64 5.07
N PRO B 206 5.16 8.27 5.94
CA PRO B 206 6.55 8.20 5.54
C PRO B 206 6.70 7.16 4.44
N THR B 207 7.67 7.36 3.55
CA THR B 207 8.07 6.38 2.50
C THR B 207 9.59 6.37 2.36
N VAL B 208 10.10 5.57 1.44
CA VAL B 208 11.56 5.50 1.14
C VAL B 208 12.10 6.91 0.86
N PHE B 209 11.30 7.79 0.26
CA PHE B 209 11.71 9.16 -0.17
C PHE B 209 12.12 10.02 1.04
N ASN B 210 11.58 9.74 2.23
CA ASN B 210 11.84 10.58 3.41
C ASN B 210 13.30 10.48 3.87
N VAL B 211 14.08 9.51 3.36
CA VAL B 211 15.47 9.32 3.86
C VAL B 211 16.50 9.46 2.72
N LEU B 212 16.12 9.86 1.50
CA LEU B 212 17.06 9.89 0.35
C LEU B 212 17.82 11.22 0.22
N GLY B 213 17.23 12.35 0.66
CA GLY B 213 17.79 13.71 0.48
C GLY B 213 19.31 13.77 0.62
N PRO B 214 19.86 13.37 1.79
CA PRO B 214 21.30 13.42 2.02
C PRO B 214 22.20 12.57 1.13
N LEU B 215 21.65 11.56 0.45
CA LEU B 215 22.39 10.63 -0.44
C LEU B 215 22.30 11.10 -1.89
N LEU B 216 21.64 12.24 -2.13
CA LEU B 216 21.47 12.81 -3.49
C LEU B 216 22.43 13.98 -3.78
N HIS B 217 23.60 14.06 -3.15
CA HIS B 217 24.53 15.20 -3.44
C HIS B 217 24.87 15.15 -4.93
N PRO B 218 24.61 16.22 -5.73
CA PRO B 218 24.91 16.19 -7.16
C PRO B 218 26.37 16.55 -7.53
N VAL B 219 27.23 16.78 -6.53
CA VAL B 219 28.68 17.11 -6.77
C VAL B 219 29.51 15.91 -6.34
N SER B 220 30.08 15.19 -7.33
CA SER B 220 30.94 14.00 -7.11
C SER B 220 32.19 14.35 -6.29
N HIS B 221 32.68 15.60 -6.34
CA HIS B 221 33.98 16.02 -5.73
C HIS B 221 33.93 16.08 -4.20
N VAL B 222 32.76 16.06 -3.55
CA VAL B 222 32.67 16.07 -2.07
C VAL B 222 33.48 14.88 -1.53
N ASN B 223 34.35 15.12 -0.55
CA ASN B 223 35.29 14.13 0.03
C ASN B 223 34.70 13.50 1.29
N LYS B 224 34.10 14.34 2.13
CA LYS B 224 33.65 13.94 3.48
C LYS B 224 32.27 14.55 3.72
N ARG B 225 31.55 14.05 4.70
CA ARG B 225 30.20 14.53 5.05
C ARG B 225 29.78 14.02 6.42
N ILE B 226 29.04 14.87 7.14
CA ILE B 226 28.16 14.53 8.28
C ILE B 226 26.75 14.35 7.73
N LEU B 227 26.21 13.15 7.93
CA LEU B 227 24.82 12.78 7.59
C LEU B 227 24.10 12.43 8.87
N GLY B 228 23.17 13.30 9.30
CA GLY B 228 22.35 13.08 10.50
C GLY B 228 21.15 12.23 10.17
N VAL B 229 20.69 11.40 11.11
CA VAL B 229 19.49 10.52 10.91
C VAL B 229 18.56 10.67 12.09
N TYR B 230 17.28 10.38 11.89
CA TYR B 230 16.24 10.69 12.90
C TYR B 230 16.21 9.61 13.99
N SER B 231 16.64 8.39 13.68
CA SER B 231 16.48 7.24 14.60
C SER B 231 17.79 6.46 14.75
N LYS B 232 18.05 5.97 15.97
CA LYS B 232 19.11 4.97 16.26
C LYS B 232 19.00 3.76 15.33
N GLU B 233 17.79 3.26 15.09
CA GLU B 233 17.56 1.96 14.37
C GLU B 233 17.94 2.12 12.89
N LEU B 234 17.75 3.31 12.32
CA LEU B 234 18.11 3.57 10.89
C LEU B 234 19.63 3.71 10.75
N ALA B 235 20.32 4.29 11.73
CA ALA B 235 21.73 4.75 11.64
C ALA B 235 22.64 3.69 11.02
N PRO B 236 22.68 2.44 11.51
CA PRO B 236 23.63 1.46 10.99
C PRO B 236 23.34 1.13 9.51
N GLU B 237 22.06 0.94 9.18
CA GLU B 237 21.67 0.72 7.76
C GLU B 237 22.02 1.97 6.93
N TYR B 238 21.85 3.19 7.48
CA TYR B 238 22.11 4.44 6.73
C TYR B 238 23.62 4.63 6.49
N ALA B 239 24.44 4.27 7.48
CA ALA B 239 25.91 4.19 7.33
C ALA B 239 26.27 3.22 6.19
N LYS B 240 25.73 2.01 6.16
CA LYS B 240 26.04 1.07 5.03
C LYS B 240 25.53 1.67 3.71
N ALA B 241 24.39 2.37 3.72
CA ALA B 241 23.81 2.96 2.49
C ALA B 241 24.72 4.07 1.96
N ALA B 242 25.20 4.93 2.87
CA ALA B 242 26.10 6.07 2.55
C ALA B 242 27.40 5.56 1.92
N ALA B 243 27.93 4.44 2.42
CA ALA B 243 29.16 3.77 1.93
C ALA B 243 28.97 3.34 0.48
N LEU B 244 27.76 2.85 0.14
CA LEU B 244 27.44 2.34 -1.22
C LEU B 244 27.20 3.52 -2.18
N VAL B 245 26.61 4.62 -1.71
CA VAL B 245 26.25 5.81 -2.55
C VAL B 245 27.47 6.73 -2.73
N TYR B 246 28.30 6.85 -1.70
CA TYR B 246 29.50 7.73 -1.69
C TYR B 246 30.75 6.89 -1.44
N PRO B 247 31.10 5.92 -2.32
CA PRO B 247 32.24 5.03 -2.06
C PRO B 247 33.55 5.80 -1.78
N GLY B 248 34.28 5.43 -0.72
CA GLY B 248 35.57 6.04 -0.38
C GLY B 248 35.47 7.44 0.22
N SER B 249 34.26 7.97 0.39
CA SER B 249 34.01 9.23 1.12
C SER B 249 33.95 8.93 2.63
N GLU B 250 34.84 9.54 3.42
CA GLU B 250 34.84 9.44 4.91
C GLU B 250 33.65 10.25 5.44
N THR B 251 32.88 9.59 6.30
CA THR B 251 31.48 9.96 6.61
C THR B 251 31.24 9.70 8.09
N PHE B 252 30.65 10.67 8.78
CA PHE B 252 30.00 10.45 10.10
C PHE B 252 28.50 10.37 9.89
N ILE B 253 27.87 9.30 10.36
CA ILE B 253 26.40 9.26 10.60
C ILE B 253 26.19 9.70 12.03
N VAL B 254 25.32 10.69 12.28
CA VAL B 254 25.09 11.16 13.67
C VAL B 254 23.63 10.97 14.06
N TRP B 255 23.42 10.60 15.32
CA TRP B 255 22.10 10.54 15.97
C TRP B 255 22.25 11.07 17.40
N GLY B 256 21.62 12.21 17.70
CA GLY B 256 21.48 12.75 19.06
C GLY B 256 20.50 11.90 19.85
N HIS B 257 20.88 11.47 21.05
CA HIS B 257 20.14 10.47 21.87
C HIS B 257 18.73 11.01 22.19
N VAL B 258 18.54 12.33 22.28
CA VAL B 258 17.21 12.98 22.52
C VAL B 258 16.27 12.73 21.34
N GLY B 259 16.77 12.22 20.21
CA GLY B 259 16.00 12.06 18.96
C GLY B 259 16.24 13.25 18.05
N LEU B 260 17.43 13.34 17.43
CA LEU B 260 17.85 14.55 16.68
C LEU B 260 18.87 14.19 15.59
N ASP B 261 18.70 14.74 14.38
CA ASP B 261 19.52 14.38 13.20
C ASP B 261 20.77 15.28 13.12
N GLU B 262 21.40 15.56 14.26
CA GLU B 262 22.73 16.25 14.29
C GLU B 262 23.32 16.12 15.70
N VAL B 263 24.45 16.79 15.96
CA VAL B 263 25.12 16.63 17.27
C VAL B 263 24.34 17.47 18.27
N SER B 264 23.73 16.81 19.24
CA SER B 264 22.78 17.42 20.20
C SER B 264 23.51 18.33 21.18
N PRO B 265 22.90 19.50 21.54
CA PRO B 265 23.45 20.35 22.60
C PRO B 265 23.09 19.85 24.01
N ILE B 266 22.17 18.88 24.13
CA ILE B 266 21.80 18.19 25.40
C ILE B 266 22.08 16.67 25.27
N GLY B 267 22.62 16.07 26.32
CA GLY B 267 22.95 14.63 26.35
C GLY B 267 23.96 14.25 25.28
N LYS B 268 23.92 12.97 24.91
CA LYS B 268 24.96 12.32 24.08
C LYS B 268 24.44 12.23 22.64
N THR B 269 25.37 12.07 21.72
CA THR B 269 25.17 11.76 20.29
C THR B 269 26.04 10.55 19.93
N THR B 270 25.55 9.63 19.11
CA THR B 270 26.35 8.50 18.58
C THR B 270 26.75 8.83 17.13
N VAL B 271 28.03 8.59 16.83
CA VAL B 271 28.66 8.74 15.50
C VAL B 271 28.98 7.32 15.02
N TRP B 272 28.56 7.01 13.79
CA TRP B 272 28.91 5.79 13.04
C TRP B 272 29.93 6.24 11.99
N HIS B 273 31.15 5.70 12.03
CA HIS B 273 32.32 6.22 11.26
C HIS B 273 32.58 5.27 10.09
N ILE B 274 32.21 5.71 8.88
CA ILE B 274 32.63 5.07 7.61
C ILE B 274 34.02 5.61 7.28
N ASP B 275 35.05 4.79 7.50
CA ASP B 275 36.47 5.19 7.38
C ASP B 275 37.13 4.35 6.29
N PRO B 276 37.24 4.88 5.04
CA PRO B 276 37.77 4.12 3.90
C PRO B 276 39.21 3.58 4.03
N THR B 277 40.02 4.11 4.95
CA THR B 277 41.42 3.64 5.20
C THR B 277 41.43 2.59 6.32
N SER B 278 40.27 2.23 6.88
CA SER B 278 40.16 1.19 7.94
C SER B 278 39.93 -0.20 7.31
N LEU B 283 30.43 0.21 10.96
CA LEU B 283 31.71 -0.33 11.50
C LEU B 283 31.92 0.23 12.90
N LYS B 284 32.75 1.27 13.06
CA LYS B 284 33.13 1.81 14.39
C LYS B 284 32.14 2.93 14.78
N THR B 285 31.77 2.95 16.05
CA THR B 285 30.91 3.97 16.69
C THR B 285 31.74 4.70 17.75
N PHE B 286 31.36 5.94 18.10
CA PHE B 286 31.91 6.68 19.25
C PHE B 286 30.84 7.66 19.74
N GLN B 287 30.98 8.10 21.00
CA GLN B 287 29.94 8.88 21.70
C GLN B 287 30.43 10.32 21.90
N LEU B 288 29.60 11.31 21.60
CA LEU B 288 29.90 12.76 21.78
C LEU B 288 29.03 13.34 22.90
N GLU B 289 29.60 14.28 23.66
CA GLU B 289 28.96 15.00 24.77
C GLU B 289 29.45 16.44 24.68
N PRO B 290 28.64 17.49 24.92
CA PRO B 290 29.18 18.86 24.93
C PRO B 290 30.46 19.07 25.78
N SER B 291 30.58 18.37 26.93
CA SER B 291 31.76 18.50 27.83
C SER B 291 33.05 18.21 27.08
N MET B 292 33.02 17.32 26.07
CA MET B 292 34.19 16.95 25.24
C MET B 292 34.61 18.13 24.36
N PHE B 293 33.74 19.14 24.20
CA PHE B 293 34.02 20.36 23.40
C PHE B 293 34.40 21.51 24.34
N GLY B 294 34.28 21.30 25.65
CA GLY B 294 34.51 22.33 26.69
C GLY B 294 33.32 23.25 26.81
N LEU B 295 32.12 22.72 26.59
CA LEU B 295 30.86 23.51 26.49
C LEU B 295 29.86 23.02 27.53
N GLU B 296 29.00 23.93 27.98
CA GLU B 296 27.80 23.60 28.79
C GLU B 296 26.84 22.79 27.91
N GLU B 297 26.06 21.89 28.53
CA GLU B 297 24.84 21.32 27.90
C GLU B 297 23.77 22.42 27.85
N HIS B 298 22.96 22.45 26.78
CA HIS B 298 21.76 23.33 26.66
C HIS B 298 20.54 22.50 26.22
N GLU B 299 19.42 22.71 26.90
CA GLU B 299 18.11 22.10 26.60
C GLU B 299 17.71 22.53 25.18
N LEU B 300 16.87 21.76 24.50
CA LEU B 300 16.43 22.06 23.11
C LEU B 300 15.60 23.34 23.10
N SER B 301 14.80 23.55 24.15
CA SER B 301 13.94 24.74 24.34
C SER B 301 14.79 26.02 24.22
N LYS B 302 16.06 25.98 24.61
CA LYS B 302 16.98 27.15 24.60
C LYS B 302 17.68 27.28 23.23
N CYS B 303 17.44 26.33 22.33
CA CYS B 303 18.13 26.22 21.02
C CYS B 303 17.05 26.16 19.94
N ALA B 304 16.00 26.97 20.03
CA ALA B 304 14.84 26.86 19.10
C ALA B 304 15.10 27.64 17.80
N SER B 305 14.31 27.31 16.81
CA SER B 305 14.17 28.03 15.51
C SER B 305 13.21 29.20 15.71
N TYR B 306 13.56 30.38 15.20
CA TYR B 306 12.66 31.58 15.12
C TYR B 306 12.19 31.75 13.67
N GLY B 307 12.20 30.66 12.90
CA GLY B 307 11.84 30.64 11.47
C GLY B 307 12.95 31.25 10.62
N PRO B 308 12.90 31.05 9.28
CA PRO B 308 14.01 31.43 8.39
C PRO B 308 14.49 32.90 8.40
N LYS B 309 13.57 33.85 8.43
CA LYS B 309 13.93 35.29 8.37
C LYS B 309 14.84 35.62 9.56
N GLU B 310 14.35 35.33 10.76
CA GLU B 310 14.98 35.71 12.05
C GLU B 310 16.25 34.85 12.28
N ASN B 311 16.19 33.55 12.00
CA ASN B 311 17.40 32.67 12.06
C ASN B 311 18.55 33.34 11.30
N ALA B 312 18.27 33.80 10.09
CA ALA B 312 19.23 34.42 9.17
C ALA B 312 19.79 35.71 9.78
N ARG B 313 18.94 36.56 10.36
CA ARG B 313 19.36 37.82 11.03
C ARG B 313 20.23 37.46 12.24
N ILE B 314 19.78 36.52 13.08
CA ILE B 314 20.58 36.04 14.25
C ILE B 314 21.95 35.59 13.75
N LEU B 315 21.97 34.75 12.72
CA LEU B 315 23.24 34.20 12.17
C LEU B 315 24.10 35.36 11.68
N LYS B 316 23.53 36.22 10.85
CA LYS B 316 24.33 37.23 10.12
C LYS B 316 24.77 38.35 11.07
N GLU B 317 23.87 38.88 11.90
CA GLU B 317 24.12 40.18 12.61
C GLU B 317 24.62 39.92 14.03
N GLU B 318 24.51 38.68 14.53
CA GLU B 318 24.93 38.32 15.91
C GLU B 318 26.08 37.31 15.84
N VAL B 319 25.79 36.08 15.36
CA VAL B 319 26.74 34.94 15.39
C VAL B 319 27.96 35.28 14.50
N LEU B 320 27.72 35.55 13.22
CA LEU B 320 28.80 35.75 12.21
C LEU B 320 29.45 37.12 12.41
N SER B 321 28.78 38.07 13.08
CA SER B 321 29.34 39.42 13.31
C SER B 321 30.08 39.46 14.66
N GLY B 322 30.14 38.35 15.38
CA GLY B 322 31.05 38.21 16.54
C GLY B 322 30.47 38.79 17.82
N LYS B 323 29.15 38.85 17.96
CA LYS B 323 28.52 39.33 19.22
C LYS B 323 28.75 38.32 20.34
N TYR B 324 29.07 37.06 20.04
CA TYR B 324 29.19 36.02 21.10
C TYR B 324 30.55 35.31 21.03
N HIS B 325 30.93 34.77 22.19
CA HIS B 325 32.28 34.18 22.43
C HIS B 325 32.13 32.79 23.04
N LEU B 326 33.10 31.94 22.72
CA LEU B 326 33.33 30.69 23.46
C LEU B 326 33.53 31.10 24.93
N GLY B 327 32.77 30.47 25.83
CA GLY B 327 32.76 30.78 27.27
C GLY B 327 31.60 31.66 27.66
N ASP B 328 30.84 32.25 26.72
CA ASP B 328 29.65 33.09 27.07
C ASP B 328 28.50 32.16 27.48
N ASN B 329 28.57 30.88 27.13
CA ASN B 329 27.47 29.88 27.37
C ASN B 329 26.18 30.36 26.67
N ASN B 330 26.32 31.07 25.54
CA ASN B 330 25.18 31.39 24.65
C ASN B 330 24.78 30.10 23.93
N PRO B 331 23.52 29.63 24.12
CA PRO B 331 23.14 28.28 23.73
C PRO B 331 23.29 28.04 22.22
N ILE B 332 22.68 28.90 21.40
CA ILE B 332 22.74 28.76 19.92
C ILE B 332 24.20 28.86 19.46
N TYR B 333 24.96 29.80 20.03
CA TYR B 333 26.36 30.02 19.60
C TYR B 333 27.14 28.72 19.88
N ASP B 334 26.94 28.15 21.07
CA ASP B 334 27.61 26.91 21.53
C ASP B 334 27.26 25.80 20.53
N TYR B 335 25.97 25.66 20.22
CA TYR B 335 25.36 24.61 19.37
C TYR B 335 26.02 24.63 18.00
N ILE B 336 26.22 25.83 17.44
CA ILE B 336 26.89 26.04 16.14
C ILE B 336 28.40 25.73 16.29
N LEU B 337 29.05 26.16 17.37
CA LEU B 337 30.52 25.92 17.53
C LEU B 337 30.76 24.41 17.51
N MET B 338 29.93 23.68 18.23
CA MET B 338 30.11 22.22 18.45
C MET B 338 29.96 21.49 17.11
N ASN B 339 28.87 21.75 16.39
CA ASN B 339 28.62 21.12 15.08
C ASN B 339 29.74 21.51 14.10
N THR B 340 30.20 22.76 14.16
CA THR B 340 31.36 23.20 13.36
C THR B 340 32.62 22.38 13.72
N ALA B 341 32.86 22.14 15.01
CA ALA B 341 34.09 21.48 15.51
C ALA B 341 34.12 20.04 14.97
N VAL B 342 32.95 19.39 14.89
CA VAL B 342 32.87 18.01 14.36
C VAL B 342 33.20 18.07 12.87
N LEU B 343 32.72 19.07 12.14
CA LEU B 343 33.03 19.20 10.69
C LEU B 343 34.56 19.31 10.53
N TYR B 344 35.20 20.17 11.31
CA TYR B 344 36.66 20.43 11.25
C TYR B 344 37.42 19.14 11.57
N CYS B 345 37.14 18.53 12.71
CA CYS B 345 37.77 17.26 13.14
C CYS B 345 37.61 16.17 12.06
N LEU B 346 36.42 16.02 11.50
CA LEU B 346 36.19 15.06 10.39
C LEU B 346 37.13 15.40 9.24
N SER B 347 37.25 16.69 8.90
CA SER B 347 38.07 17.20 7.76
C SER B 347 39.57 16.90 7.94
N GLN B 348 40.10 16.89 9.16
CA GLN B 348 41.57 16.81 9.44
C GLN B 348 42.02 15.40 9.84
N GLY B 349 41.10 14.46 10.07
CA GLY B 349 41.44 13.06 10.39
C GLY B 349 41.73 12.82 11.87
N HIS B 350 41.15 13.61 12.77
CA HIS B 350 41.43 13.47 14.23
C HIS B 350 40.16 13.77 15.04
N GLN B 351 40.21 13.46 16.32
CA GLN B 351 39.11 13.64 17.31
C GLN B 351 39.53 14.68 18.37
N ASN B 352 40.34 15.66 17.98
CA ASN B 352 40.70 16.78 18.90
C ASN B 352 39.58 17.82 18.86
N TRP B 353 38.47 17.51 19.55
CA TRP B 353 37.21 18.29 19.56
C TRP B 353 37.50 19.75 19.96
N LYS B 354 38.26 19.97 21.02
CA LYS B 354 38.54 21.34 21.54
C LYS B 354 39.31 22.15 20.50
N GLU B 355 40.14 21.51 19.66
CA GLU B 355 40.87 22.18 18.56
C GLU B 355 39.88 22.65 17.47
N GLY B 356 38.92 21.82 17.10
CA GLY B 356 37.84 22.23 16.18
C GLY B 356 37.06 23.43 16.73
N ILE B 357 36.79 23.45 18.03
CA ILE B 357 36.17 24.63 18.71
C ILE B 357 37.02 25.88 18.47
N ILE B 358 38.28 25.85 18.92
CA ILE B 358 39.24 26.96 18.68
C ILE B 358 39.14 27.40 17.21
N LYS B 359 39.15 26.46 16.27
CA LYS B 359 39.16 26.78 14.81
C LYS B 359 37.83 27.42 14.40
N ALA B 360 36.69 26.92 14.89
CA ALA B 360 35.36 27.52 14.66
C ALA B 360 35.31 28.95 15.20
N GLU B 361 35.79 29.15 16.45
CA GLU B 361 35.84 30.47 17.14
C GLU B 361 36.61 31.46 16.26
N GLU B 362 37.79 31.06 15.76
CA GLU B 362 38.70 31.92 14.94
C GLU B 362 38.00 32.26 13.59
N SER B 363 37.38 31.29 12.90
CA SER B 363 36.57 31.54 11.68
C SER B 363 35.56 32.70 11.90
N ILE B 364 34.88 32.75 13.04
CA ILE B 364 33.88 33.82 13.34
C ILE B 364 34.61 35.15 13.61
N HIS B 365 35.54 35.17 14.57
CA HIS B 365 36.00 36.45 15.20
C HIS B 365 37.00 37.15 14.27
N SER B 366 37.70 36.36 13.43
CA SER B 366 38.54 36.82 12.30
C SER B 366 37.70 37.46 11.19
N GLY B 367 36.36 37.31 11.22
CA GLY B 367 35.47 37.74 10.12
C GLY B 367 35.50 36.80 8.90
N ASN B 368 36.26 35.70 8.94
CA ASN B 368 36.44 34.81 7.75
C ASN B 368 35.11 34.14 7.37
N ALA B 369 34.35 33.65 8.36
CA ALA B 369 33.04 32.98 8.16
C ALA B 369 32.07 33.93 7.43
N LEU B 370 31.94 35.17 7.91
CA LEU B 370 31.01 36.16 7.30
C LEU B 370 31.49 36.47 5.89
N ARG B 371 32.80 36.61 5.68
CA ARG B 371 33.37 36.89 4.33
C ARG B 371 33.07 35.71 3.37
N SER B 372 33.16 34.46 3.86
CA SER B 372 32.91 33.25 3.02
C SER B 372 31.46 33.30 2.53
N LEU B 373 30.50 33.53 3.44
CA LEU B 373 29.05 33.63 3.13
C LEU B 373 28.80 34.76 2.12
N GLU B 374 29.33 35.96 2.41
CA GLU B 374 29.07 37.20 1.61
C GLU B 374 29.58 37.00 0.19
N HIS B 375 30.72 36.33 0.05
CA HIS B 375 31.34 36.04 -1.27
C HIS B 375 30.43 35.12 -2.09
N PHE B 376 29.76 34.16 -1.44
CA PHE B 376 28.83 33.21 -2.10
C PHE B 376 27.57 33.95 -2.53
N ILE B 377 27.06 34.83 -1.67
CA ILE B 377 25.89 35.71 -1.94
C ILE B 377 26.21 36.62 -3.15
N ASP B 378 27.37 37.29 -3.13
CA ASP B 378 27.81 38.17 -4.25
C ASP B 378 27.91 37.32 -5.53
N SER B 379 28.55 36.14 -5.43
CA SER B 379 28.74 35.20 -6.58
C SER B 379 27.38 34.87 -7.23
N VAL B 380 26.39 34.49 -6.43
CA VAL B 380 25.04 34.06 -6.90
C VAL B 380 24.40 35.26 -7.61
N SER B 381 24.39 36.42 -6.94
CA SER B 381 23.86 37.71 -7.44
C SER B 381 24.38 38.03 -8.85
N SER B 382 25.62 37.62 -9.16
CA SER B 382 26.35 37.95 -10.41
C SER B 382 25.91 37.07 -11.61
N LEU B 383 25.15 35.99 -11.38
CA LEU B 383 24.79 35.00 -12.44
C LEU B 383 23.69 35.57 -13.38
OAA FA0 C . -16.55 -7.47 -7.48
CAB FA0 C . -17.34 -8.20 -6.84
OAC FA0 C . -16.96 -9.35 -6.43
CAD FA0 C . -18.76 -7.75 -6.55
CAE FA0 C . -19.51 -8.51 -5.64
CAF FA0 C . -20.82 -8.11 -5.35
CAG FA0 C . -21.35 -6.99 -5.99
FAH FA0 C . -22.60 -6.60 -5.75
CAI FA0 C . -20.62 -6.25 -6.90
CAJ FA0 C . -19.32 -6.61 -7.19
NAK FA0 C . -18.61 -5.77 -8.13
#